data_3Q9P
# 
_entry.id   3Q9P 
# 
_audit_conform.dict_name       mmcif_pdbx.dic 
_audit_conform.dict_version    5.380 
_audit_conform.dict_location   http://mmcif.pdb.org/dictionaries/ascii/mmcif_pdbx.dic 
# 
loop_
_database_2.database_id 
_database_2.database_code 
_database_2.pdbx_database_accession 
_database_2.pdbx_DOI 
PDB   3Q9P         pdb_00003q9p 10.2210/pdb3q9p/pdb 
RCSB  RCSB063370   ?            ?                   
WWPDB D_1000063370 ?            ?                   
# 
_pdbx_database_related.db_name        PDB 
_pdbx_database_related.db_id          3Q9Q 
_pdbx_database_related.details        . 
_pdbx_database_related.content_type   unspecified 
# 
_pdbx_database_status.status_code                     REL 
_pdbx_database_status.entry_id                        3Q9P 
_pdbx_database_status.recvd_initial_deposition_date   2011-01-09 
_pdbx_database_status.deposit_site                    RCSB 
_pdbx_database_status.process_site                    PDBJ 
_pdbx_database_status.status_code_sf                  REL 
_pdbx_database_status.status_code_mr                  ? 
_pdbx_database_status.SG_entry                        ? 
_pdbx_database_status.status_code_cs                  ? 
_pdbx_database_status.pdb_format_compatible           Y 
_pdbx_database_status.status_code_nmr_data            ? 
_pdbx_database_status.methods_development_category    ? 
# 
loop_
_audit_author.name 
_audit_author.pdbx_ordinal 
'Baranova, E.V.' 1 
'Beelen, S.'     2 
'Gusev, N.B.'    3 
'Strelkov, S.V.' 4 
# 
_citation.id                        primary 
_citation.title                     
'Three-Dimensional Structure of alpha-Crystallin Domain Dimers of Human Small Heat Shock Proteins HSPB1 and HSPB6' 
_citation.journal_abbrev            J.Mol.Biol. 
_citation.journal_volume            ? 
_citation.page_first                ? 
_citation.page_last                 ? 
_citation.year                      2011 
_citation.journal_id_ASTM           JMOBAK 
_citation.country                   UK 
_citation.journal_id_ISSN           1089-8638 
_citation.journal_id_CSD            0070 
_citation.book_publisher            ? 
_citation.pdbx_database_id_PubMed   21641913 
_citation.pdbx_database_id_DOI      10.1016/j.jmb.2011.05.024 
# 
loop_
_citation_author.citation_id 
_citation_author.name 
_citation_author.ordinal 
_citation_author.identifier_ORCID 
primary 'Baranova, E.V.' 1 ? 
primary 'Weeks, S.D.'    2 ? 
primary 'Beelen, S.'     3 ? 
primary 'Bukach, O.V.'   4 ? 
primary 'Gusev, N.B.'    5 ? 
primary 'Strelkov, S.V.' 6 ? 
# 
_cell.entry_id           3Q9P 
_cell.length_a           76.313 
_cell.length_b           76.313 
_cell.length_c           65.057 
_cell.angle_alpha        90.00 
_cell.angle_beta         90.00 
_cell.angle_gamma        120.00 
_cell.Z_PDB              12 
_cell.pdbx_unique_axis   ? 
_cell.length_a_esd       ? 
_cell.length_b_esd       ? 
_cell.length_c_esd       ? 
_cell.angle_alpha_esd    ? 
_cell.angle_beta_esd     ? 
_cell.angle_gamma_esd    ? 
# 
_symmetry.entry_id                         3Q9P 
_symmetry.space_group_name_H-M             'P 6 2 2' 
_symmetry.pdbx_full_space_group_name_H-M   ? 
_symmetry.cell_setting                     ? 
_symmetry.Int_Tables_number                177 
_symmetry.space_group_name_Hall            ? 
# 
loop_
_entity.id 
_entity.type 
_entity.src_method 
_entity.pdbx_description 
_entity.formula_weight 
_entity.pdbx_number_of_molecules 
_entity.pdbx_ec 
_entity.pdbx_mutation 
_entity.pdbx_fragment 
_entity.details 
1 polymer man 'Heat shock protein beta-1' 9289.354 1  ? 'E125A, E126A' 'residues 90-171' ? 
2 water   nat water                       18.015   98 ? ?              ?                 ? 
# 
_entity_name_com.entity_id   1 
_entity_name_com.name        
;HspB1, 28 kDa heat shock protein, Estrogen-regulated 24 kDa protein, Heat shock 27 kDa protein, HSP 27, Stress-responsive protein 27, SRP27
;
# 
_entity_poly.entity_id                      1 
_entity_poly.type                           'polypeptide(L)' 
_entity_poly.nstd_linkage                   no 
_entity_poly.nstd_monomer                   no 
_entity_poly.pdbx_seq_one_letter_code       
;GGSHTADRWRVSLDVNHFAPDELTVKTKDGVVEITGKHAARQDEHGYISRCFTRKYTLPPGVDPTQVSSSLSPEGTLTVE
APMPK
;
_entity_poly.pdbx_seq_one_letter_code_can   
;GGSHTADRWRVSLDVNHFAPDELTVKTKDGVVEITGKHAARQDEHGYISRCFTRKYTLPPGVDPTQVSSSLSPEGTLTVE
APMPK
;
_entity_poly.pdbx_strand_id                 A 
_entity_poly.pdbx_target_identifier         ? 
# 
loop_
_entity_poly_seq.entity_id 
_entity_poly_seq.num 
_entity_poly_seq.mon_id 
_entity_poly_seq.hetero 
1 1  GLY n 
1 2  GLY n 
1 3  SER n 
1 4  HIS n 
1 5  THR n 
1 6  ALA n 
1 7  ASP n 
1 8  ARG n 
1 9  TRP n 
1 10 ARG n 
1 11 VAL n 
1 12 SER n 
1 13 LEU n 
1 14 ASP n 
1 15 VAL n 
1 16 ASN n 
1 17 HIS n 
1 18 PHE n 
1 19 ALA n 
1 20 PRO n 
1 21 ASP n 
1 22 GLU n 
1 23 LEU n 
1 24 THR n 
1 25 VAL n 
1 26 LYS n 
1 27 THR n 
1 28 LYS n 
1 29 ASP n 
1 30 GLY n 
1 31 VAL n 
1 32 VAL n 
1 33 GLU n 
1 34 ILE n 
1 35 THR n 
1 36 GLY n 
1 37 LYS n 
1 38 HIS n 
1 39 ALA n 
1 40 ALA n 
1 41 ARG n 
1 42 GLN n 
1 43 ASP n 
1 44 GLU n 
1 45 HIS n 
1 46 GLY n 
1 47 TYR n 
1 48 ILE n 
1 49 SER n 
1 50 ARG n 
1 51 CYS n 
1 52 PHE n 
1 53 THR n 
1 54 ARG n 
1 55 LYS n 
1 56 TYR n 
1 57 THR n 
1 58 LEU n 
1 59 PRO n 
1 60 PRO n 
1 61 GLY n 
1 62 VAL n 
1 63 ASP n 
1 64 PRO n 
1 65 THR n 
1 66 GLN n 
1 67 VAL n 
1 68 SER n 
1 69 SER n 
1 70 SER n 
1 71 LEU n 
1 72 SER n 
1 73 PRO n 
1 74 GLU n 
1 75 GLY n 
1 76 THR n 
1 77 LEU n 
1 78 THR n 
1 79 VAL n 
1 80 GLU n 
1 81 ALA n 
1 82 PRO n 
1 83 MET n 
1 84 PRO n 
1 85 LYS n 
# 
_entity_src_gen.entity_id                          1 
_entity_src_gen.pdbx_src_id                        1 
_entity_src_gen.pdbx_alt_source_flag               sample 
_entity_src_gen.pdbx_seq_type                      ? 
_entity_src_gen.pdbx_beg_seq_num                   ? 
_entity_src_gen.pdbx_end_seq_num                   ? 
_entity_src_gen.gene_src_common_name               human 
_entity_src_gen.gene_src_genus                     ? 
_entity_src_gen.pdbx_gene_src_gene                 HSPB1 
_entity_src_gen.gene_src_species                   ? 
_entity_src_gen.gene_src_strain                    ? 
_entity_src_gen.gene_src_tissue                    ? 
_entity_src_gen.gene_src_tissue_fraction           ? 
_entity_src_gen.gene_src_details                   ? 
_entity_src_gen.pdbx_gene_src_fragment             ? 
_entity_src_gen.pdbx_gene_src_scientific_name      'Homo sapiens' 
_entity_src_gen.pdbx_gene_src_ncbi_taxonomy_id     9606 
_entity_src_gen.pdbx_gene_src_variant              ? 
_entity_src_gen.pdbx_gene_src_cell_line            ? 
_entity_src_gen.pdbx_gene_src_atcc                 ? 
_entity_src_gen.pdbx_gene_src_organ                ? 
_entity_src_gen.pdbx_gene_src_organelle            ? 
_entity_src_gen.pdbx_gene_src_cell                 ? 
_entity_src_gen.pdbx_gene_src_cellular_location    ? 
_entity_src_gen.host_org_common_name               ? 
_entity_src_gen.pdbx_host_org_scientific_name      'Escherichia coli' 
_entity_src_gen.pdbx_host_org_ncbi_taxonomy_id     562 
_entity_src_gen.host_org_genus                     ? 
_entity_src_gen.pdbx_host_org_gene                 ? 
_entity_src_gen.pdbx_host_org_organ                ? 
_entity_src_gen.host_org_species                   ? 
_entity_src_gen.pdbx_host_org_tissue               ? 
_entity_src_gen.pdbx_host_org_tissue_fraction      ? 
_entity_src_gen.pdbx_host_org_strain               ? 
_entity_src_gen.pdbx_host_org_variant              ? 
_entity_src_gen.pdbx_host_org_cell_line            ? 
_entity_src_gen.pdbx_host_org_atcc                 ? 
_entity_src_gen.pdbx_host_org_culture_collection   ? 
_entity_src_gen.pdbx_host_org_cell                 ? 
_entity_src_gen.pdbx_host_org_organelle            ? 
_entity_src_gen.pdbx_host_org_cellular_location    ? 
_entity_src_gen.pdbx_host_org_vector_type          plasmid 
_entity_src_gen.pdbx_host_org_vector               ? 
_entity_src_gen.host_org_details                   ? 
_entity_src_gen.expression_system_id               ? 
_entity_src_gen.plasmid_name                       pPEP-TEV 
_entity_src_gen.plasmid_details                    ? 
_entity_src_gen.pdbx_description                   ? 
# 
_struct_ref.id                         1 
_struct_ref.db_name                    UNP 
_struct_ref.db_code                    HSPB1_HUMAN 
_struct_ref.pdbx_db_accession          P04792 
_struct_ref.entity_id                  1 
_struct_ref.pdbx_seq_one_letter_code   
;HTADRWRVSLDVNHFAPDELTVKTKDGVVEITGKHEERQDEHGYISRCFTRKYTLPPGVDPTQVSSSLSPEGTLTVEAPM
PK
;
_struct_ref.pdbx_align_begin           90 
_struct_ref.pdbx_db_isoform            ? 
# 
_struct_ref_seq.align_id                      1 
_struct_ref_seq.ref_id                        1 
_struct_ref_seq.pdbx_PDB_id_code              3Q9P 
_struct_ref_seq.pdbx_strand_id                A 
_struct_ref_seq.seq_align_beg                 4 
_struct_ref_seq.pdbx_seq_align_beg_ins_code   ? 
_struct_ref_seq.seq_align_end                 85 
_struct_ref_seq.pdbx_seq_align_end_ins_code   ? 
_struct_ref_seq.pdbx_db_accession             P04792 
_struct_ref_seq.db_align_beg                  90 
_struct_ref_seq.pdbx_db_align_beg_ins_code    ? 
_struct_ref_seq.db_align_end                  171 
_struct_ref_seq.pdbx_db_align_end_ins_code    ? 
_struct_ref_seq.pdbx_auth_seq_align_beg       90 
_struct_ref_seq.pdbx_auth_seq_align_end       171 
# 
loop_
_struct_ref_seq_dif.align_id 
_struct_ref_seq_dif.pdbx_pdb_id_code 
_struct_ref_seq_dif.mon_id 
_struct_ref_seq_dif.pdbx_pdb_strand_id 
_struct_ref_seq_dif.seq_num 
_struct_ref_seq_dif.pdbx_pdb_ins_code 
_struct_ref_seq_dif.pdbx_seq_db_name 
_struct_ref_seq_dif.pdbx_seq_db_accession_code 
_struct_ref_seq_dif.db_mon_id 
_struct_ref_seq_dif.pdbx_seq_db_seq_num 
_struct_ref_seq_dif.details 
_struct_ref_seq_dif.pdbx_auth_seq_num 
_struct_ref_seq_dif.pdbx_ordinal 
1 3Q9P GLY A 1  ? UNP P04792 ?   ?   'expression tag'      87  1 
1 3Q9P GLY A 2  ? UNP P04792 ?   ?   'expression tag'      88  2 
1 3Q9P SER A 3  ? UNP P04792 ?   ?   'expression tag'      89  3 
1 3Q9P ALA A 39 ? UNP P04792 GLU 125 'engineered mutation' 125 4 
1 3Q9P ALA A 40 ? UNP P04792 GLU 126 'engineered mutation' 126 5 
# 
loop_
_chem_comp.id 
_chem_comp.type 
_chem_comp.mon_nstd_flag 
_chem_comp.name 
_chem_comp.pdbx_synonyms 
_chem_comp.formula 
_chem_comp.formula_weight 
ALA 'L-peptide linking' y ALANINE         ? 'C3 H7 N O2'     89.093  
ARG 'L-peptide linking' y ARGININE        ? 'C6 H15 N4 O2 1' 175.209 
ASN 'L-peptide linking' y ASPARAGINE      ? 'C4 H8 N2 O3'    132.118 
ASP 'L-peptide linking' y 'ASPARTIC ACID' ? 'C4 H7 N O4'     133.103 
CYS 'L-peptide linking' y CYSTEINE        ? 'C3 H7 N O2 S'   121.158 
GLN 'L-peptide linking' y GLUTAMINE       ? 'C5 H10 N2 O3'   146.144 
GLU 'L-peptide linking' y 'GLUTAMIC ACID' ? 'C5 H9 N O4'     147.129 
GLY 'peptide linking'   y GLYCINE         ? 'C2 H5 N O2'     75.067  
HIS 'L-peptide linking' y HISTIDINE       ? 'C6 H10 N3 O2 1' 156.162 
HOH non-polymer         . WATER           ? 'H2 O'           18.015  
ILE 'L-peptide linking' y ISOLEUCINE      ? 'C6 H13 N O2'    131.173 
LEU 'L-peptide linking' y LEUCINE         ? 'C6 H13 N O2'    131.173 
LYS 'L-peptide linking' y LYSINE          ? 'C6 H15 N2 O2 1' 147.195 
MET 'L-peptide linking' y METHIONINE      ? 'C5 H11 N O2 S'  149.211 
PHE 'L-peptide linking' y PHENYLALANINE   ? 'C9 H11 N O2'    165.189 
PRO 'L-peptide linking' y PROLINE         ? 'C5 H9 N O2'     115.130 
SER 'L-peptide linking' y SERINE          ? 'C3 H7 N O3'     105.093 
THR 'L-peptide linking' y THREONINE       ? 'C4 H9 N O3'     119.119 
TRP 'L-peptide linking' y TRYPTOPHAN      ? 'C11 H12 N2 O2'  204.225 
TYR 'L-peptide linking' y TYROSINE        ? 'C9 H11 N O3'    181.189 
VAL 'L-peptide linking' y VALINE          ? 'C5 H11 N O2'    117.146 
# 
_exptl.entry_id          3Q9P 
_exptl.method            'X-RAY DIFFRACTION' 
_exptl.crystals_number   1 
# 
_exptl_crystal.id                    1 
_exptl_crystal.density_meas          ? 
_exptl_crystal.density_Matthews      2.94 
_exptl_crystal.density_percent_sol   58.21 
_exptl_crystal.description           ? 
_exptl_crystal.F_000                 ? 
_exptl_crystal.preparation           ? 
# 
_exptl_crystal_grow.crystal_id      1 
_exptl_crystal_grow.method          'VAPOR DIFFUSION, HANGING DROP' 
_exptl_crystal_grow.temp            277 
_exptl_crystal_grow.temp_details    ? 
_exptl_crystal_grow.pH              5.5 
_exptl_crystal_grow.pdbx_details    
'2.2M ammonium sulfate, 0.2M di-ammonium tartrate, pH 5.5, VAPOR DIFFUSION, HANGING DROP, temperature 277K' 
_exptl_crystal_grow.pdbx_pH_range   . 
# 
_diffrn.id                     1 
_diffrn.ambient_temp           100 
_diffrn.ambient_temp_details   ? 
_diffrn.crystal_id             1 
# 
_diffrn_detector.diffrn_id              1 
_diffrn_detector.detector               PIXEL 
_diffrn_detector.type                   'PSI PILATUS 6M' 
_diffrn_detector.pdbx_collection_date   2007-12-07 
_diffrn_detector.details                'Dynamically bendable mirror' 
# 
_diffrn_radiation.diffrn_id                        1 
_diffrn_radiation.wavelength_id                    1 
_diffrn_radiation.pdbx_monochromatic_or_laue_m_l   M 
_diffrn_radiation.monochromator                    'Si(111) monochromator' 
_diffrn_radiation.pdbx_diffrn_protocol             'SINGLE WAVELENGTH' 
_diffrn_radiation.pdbx_scattering_type             x-ray 
# 
_diffrn_radiation_wavelength.id           1 
_diffrn_radiation_wavelength.wavelength   0.9878 
_diffrn_radiation_wavelength.wt           1.0 
# 
_diffrn_source.diffrn_id                   1 
_diffrn_source.source                      SYNCHROTRON 
_diffrn_source.type                        'SLS BEAMLINE X06SA' 
_diffrn_source.pdbx_synchrotron_site       SLS 
_diffrn_source.pdbx_synchrotron_beamline   X06SA 
_diffrn_source.pdbx_wavelength             ? 
_diffrn_source.pdbx_wavelength_list        0.9878 
# 
_reflns.entry_id                     3Q9P 
_reflns.observed_criterion_sigma_I   0.0 
_reflns.observed_criterion_sigma_F   0.0 
_reflns.d_resolution_low             46.4 
_reflns.d_resolution_high            2.00 
_reflns.number_obs                   10565 
_reflns.number_all                   ? 
_reflns.percent_possible_obs         99.5 
_reflns.pdbx_Rmerge_I_obs            ? 
_reflns.pdbx_Rsym_value              0.048 
_reflns.pdbx_netI_over_sigmaI        23.9 
_reflns.B_iso_Wilson_estimate        ? 
_reflns.pdbx_redundancy              9.3 
_reflns.R_free_details               ? 
_reflns.limit_h_max                  ? 
_reflns.limit_h_min                  ? 
_reflns.limit_k_max                  ? 
_reflns.limit_k_min                  ? 
_reflns.limit_l_max                  ? 
_reflns.limit_l_min                  ? 
_reflns.observed_criterion_F_max     ? 
_reflns.observed_criterion_F_min     ? 
_reflns.pdbx_chi_squared             ? 
_reflns.pdbx_scaling_rejects         ? 
_reflns.pdbx_ordinal                 1 
_reflns.pdbx_diffrn_id               1 
# 
_reflns_shell.d_res_high                  2.0 
_reflns_shell.d_res_low                   2.11 
_reflns_shell.percent_possible_all        99.4 
_reflns_shell.Rmerge_I_obs                ? 
_reflns_shell.pdbx_Rsym_value             0.470 
_reflns_shell.meanI_over_sigI_obs         4.7 
_reflns_shell.pdbx_redundancy             9.5 
_reflns_shell.percent_possible_obs        ? 
_reflns_shell.number_unique_all           ? 
_reflns_shell.number_measured_all         ? 
_reflns_shell.number_measured_obs         ? 
_reflns_shell.number_unique_obs           ? 
_reflns_shell.pdbx_chi_squared            ? 
_reflns_shell.pdbx_rejects                ? 
_reflns_shell.pdbx_netI_over_sigmaI_obs   ? 
_reflns_shell.number_possible             ? 
_reflns_shell.Rmerge_F_all                ? 
_reflns_shell.Rmerge_F_obs                ? 
_reflns_shell.Rmerge_I_all                ? 
_reflns_shell.meanI_over_sigI_all         ? 
_reflns_shell.pdbx_Rrim_I_all             ? 
_reflns_shell.pdbx_Rpim_I_all             ? 
_reflns_shell.pdbx_ordinal                1 
_reflns_shell.pdbx_diffrn_id              1 
# 
_refine.entry_id                                 3Q9P 
_refine.ls_number_reflns_obs                     8005 
_refine.ls_number_reflns_all                     8007 
_refine.pdbx_ls_sigma_I                          ? 
_refine.pdbx_ls_sigma_F                          1.34 
_refine.pdbx_data_cutoff_high_absF               ? 
_refine.pdbx_data_cutoff_low_absF                ? 
_refine.pdbx_data_cutoff_high_rms_absF           ? 
_refine.ls_d_res_low                             46.363 
_refine.ls_d_res_high                            2.000 
_refine.ls_percent_reflns_obs                    99.95 
_refine.ls_R_factor_obs                          0.2404 
_refine.ls_R_factor_all                          ? 
_refine.ls_R_factor_R_work                       0.2371 
_refine.ls_R_factor_R_free                       0.2714 
_refine.ls_R_factor_R_free_error                 ? 
_refine.ls_R_factor_R_free_error_details         ? 
_refine.ls_percent_reflns_R_free                 9.73 
_refine.ls_number_reflns_R_free                  779 
_refine.ls_number_parameters                     ? 
_refine.ls_number_restraints                     ? 
_refine.correlation_coeff_Fo_to_Fc               ? 
_refine.correlation_coeff_Fo_to_Fc_free          ? 
_refine.B_iso_mean                               41.4575 
_refine.solvent_model_param_bsol                 63.1950 
_refine.solvent_model_param_ksol                 0.3490 
_refine.aniso_B[1][1]                            -0.2605 
_refine.aniso_B[2][2]                            -0.2605 
_refine.aniso_B[3][3]                            -0.2634 
_refine.aniso_B[1][2]                            0.0000 
_refine.aniso_B[1][3]                            -0.0000 
_refine.aniso_B[2][3]                            0.0000 
_refine.solvent_model_details                    'FLAT BULK SOLVENT MODEL' 
_refine.pdbx_solvent_vdw_probe_radii             1.11 
_refine.pdbx_solvent_ion_probe_radii             ? 
_refine.pdbx_solvent_shrinkage_radii             0.90 
_refine.pdbx_ls_cross_valid_method               ? 
_refine.details                                  ? 
_refine.pdbx_starting_model                      2BOL 
_refine.pdbx_method_to_determine_struct          'MOLECULAR REPLACEMENT' 
_refine.pdbx_isotropic_thermal_model             ? 
_refine.pdbx_stereochemistry_target_values       ML 
_refine.pdbx_stereochem_target_val_spec_case     ? 
_refine.pdbx_R_Free_selection_details            random 
_refine.pdbx_overall_ESU_R_Free                  ? 
_refine.overall_SU_ML                            0.07 
_refine.overall_SU_B                             ? 
_refine.overall_SU_R_Cruickshank_DPI             ? 
_refine.ls_redundancy_reflns_obs                 ? 
_refine.overall_SU_R_free                        ? 
_refine.ls_wR_factor_R_free                      ? 
_refine.ls_wR_factor_R_work                      ? 
_refine.overall_FOM_free_R_set                   ? 
_refine.overall_FOM_work_R_set                   ? 
_refine.B_iso_max                                91.000 
_refine.B_iso_min                                21.320 
_refine.pdbx_overall_phase_error                 26.5400 
_refine.occupancy_max                            1.000 
_refine.occupancy_min                            0.500 
_refine.pdbx_refine_id                           'X-RAY DIFFRACTION' 
_refine.pdbx_overall_ESU_R                       ? 
_refine.pdbx_diffrn_id                           1 
_refine.pdbx_TLS_residual_ADP_flag               ? 
_refine.pdbx_overall_SU_R_free_Cruickshank_DPI   ? 
_refine.pdbx_overall_SU_R_Blow_DPI               ? 
_refine.pdbx_overall_SU_R_free_Blow_DPI          ? 
# 
_refine_hist.pdbx_refine_id                   'X-RAY DIFFRACTION' 
_refine_hist.cycle_id                         LAST 
_refine_hist.pdbx_number_atoms_protein        588 
_refine_hist.pdbx_number_atoms_nucleic_acid   0 
_refine_hist.pdbx_number_atoms_ligand         0 
_refine_hist.number_atoms_solvent             98 
_refine_hist.number_atoms_total               686 
_refine_hist.d_res_high                       2.000 
_refine_hist.d_res_low                        46.363 
# 
loop_
_refine_ls_restr.pdbx_refine_id 
_refine_ls_restr.type 
_refine_ls_restr.number 
_refine_ls_restr.dev_ideal 
_refine_ls_restr.dev_ideal_target 
_refine_ls_restr.weight 
_refine_ls_restr.pdbx_restraint_function 
'X-RAY DIFFRACTION' f_bond_d           609 0.004  ? ? ? 
'X-RAY DIFFRACTION' f_angle_d          831 0.834  ? ? ? 
'X-RAY DIFFRACTION' f_chiral_restr     97  0.054  ? ? ? 
'X-RAY DIFFRACTION' f_plane_restr      106 0.003  ? ? ? 
'X-RAY DIFFRACTION' f_dihedral_angle_d 223 15.047 ? ? ? 
# 
loop_
_refine_ls_shell.d_res_high 
_refine_ls_shell.d_res_low 
_refine_ls_shell.pdbx_total_number_of_bins_used 
_refine_ls_shell.percent_reflns_obs 
_refine_ls_shell.number_reflns_R_work 
_refine_ls_shell.R_factor_all 
_refine_ls_shell.R_factor_R_work 
_refine_ls_shell.R_factor_R_free 
_refine_ls_shell.percent_reflns_R_free 
_refine_ls_shell.number_reflns_R_free 
_refine_ls_shell.R_factor_R_free_error 
_refine_ls_shell.number_reflns_all 
_refine_ls_shell.number_reflns_obs 
_refine_ls_shell.pdbx_refine_id 
_refine_ls_shell.redundancy_reflns_obs 
2.0001 2.1254  6 100.0000 1172 . 0.2701 0.3125 . 121 . 1293 . 'X-RAY DIFFRACTION' . 
2.1254 2.2895  6 100.0000 1173 . 0.2605 0.3035 . 117 . 1290 . 'X-RAY DIFFRACTION' . 
2.2895 2.5199  6 100.0000 1170 . 0.2724 0.3151 . 135 . 1305 . 'X-RAY DIFFRACTION' . 
2.5199 2.8844  6 100.0000 1174 . 0.2569 0.2948 . 138 . 1312 . 'X-RAY DIFFRACTION' . 
2.8844 3.6339  6 100.0000 1210 . 0.2088 0.2602 . 140 . 1350 . 'X-RAY DIFFRACTION' . 
3.6339 46.3752 6 100.0000 1327 . 0.2230 0.2362 . 128 . 1455 . 'X-RAY DIFFRACTION' . 
# 
_struct.entry_id                  3Q9P 
_struct.title                     'HspB1 fragment' 
_struct.pdbx_model_details        ? 
_struct.pdbx_CASP_flag            ? 
_struct.pdbx_model_type_details   ? 
# 
_struct_keywords.entry_id        3Q9P 
_struct_keywords.pdbx_keywords   CHAPERONE 
_struct_keywords.text            
;Alpha-crystallin domain, chaperone, Charcot-Marie-Tooth disease, neuronopathy, Ig-like fold, Stress response, intra-cellular chaperones, nucleus
;
# 
loop_
_struct_asym.id 
_struct_asym.pdbx_blank_PDB_chainid_flag 
_struct_asym.pdbx_modified 
_struct_asym.entity_id 
_struct_asym.details 
A N N 1 ? 
B N N 2 ? 
# 
_struct_biol.id        1 
_struct_biol.details   ? 
# 
_struct_conf.conf_type_id            HELX_P 
_struct_conf.id                      HELX_P1 
_struct_conf.pdbx_PDB_helix_id       1 
_struct_conf.beg_label_comp_id       ASP 
_struct_conf.beg_label_asym_id       A 
_struct_conf.beg_label_seq_id        63 
_struct_conf.pdbx_beg_PDB_ins_code   ? 
_struct_conf.end_label_comp_id       VAL 
_struct_conf.end_label_asym_id       A 
_struct_conf.end_label_seq_id        67 
_struct_conf.pdbx_end_PDB_ins_code   ? 
_struct_conf.beg_auth_comp_id        ASP 
_struct_conf.beg_auth_asym_id        A 
_struct_conf.beg_auth_seq_id         149 
_struct_conf.end_auth_comp_id        VAL 
_struct_conf.end_auth_asym_id        A 
_struct_conf.end_auth_seq_id         153 
_struct_conf.pdbx_PDB_helix_class    5 
_struct_conf.details                 ? 
_struct_conf.pdbx_PDB_helix_length   5 
# 
_struct_conf_type.id          HELX_P 
_struct_conf_type.criteria    ? 
_struct_conf_type.reference   ? 
# 
loop_
_struct_mon_prot_cis.pdbx_id 
_struct_mon_prot_cis.label_comp_id 
_struct_mon_prot_cis.label_seq_id 
_struct_mon_prot_cis.label_asym_id 
_struct_mon_prot_cis.label_alt_id 
_struct_mon_prot_cis.pdbx_PDB_ins_code 
_struct_mon_prot_cis.auth_comp_id 
_struct_mon_prot_cis.auth_seq_id 
_struct_mon_prot_cis.auth_asym_id 
_struct_mon_prot_cis.pdbx_label_comp_id_2 
_struct_mon_prot_cis.pdbx_label_seq_id_2 
_struct_mon_prot_cis.pdbx_label_asym_id_2 
_struct_mon_prot_cis.pdbx_PDB_ins_code_2 
_struct_mon_prot_cis.pdbx_auth_comp_id_2 
_struct_mon_prot_cis.pdbx_auth_seq_id_2 
_struct_mon_prot_cis.pdbx_auth_asym_id_2 
_struct_mon_prot_cis.pdbx_PDB_model_num 
_struct_mon_prot_cis.pdbx_omega_angle 
1 SER 3  A . ? SER 89  A HIS 4  A ? HIS 90  A 1 -3.89 
2 TYR 47 A . ? TYR 133 A ILE 48 A ? ILE 134 A 1 4.71  
# 
loop_
_struct_sheet.id 
_struct_sheet.type 
_struct_sheet.number_strands 
_struct_sheet.details 
A ? 3 ? 
B ? 3 ? 
# 
loop_
_struct_sheet_order.sheet_id 
_struct_sheet_order.range_id_1 
_struct_sheet_order.range_id_2 
_struct_sheet_order.offset 
_struct_sheet_order.sense 
A 1 2 ? anti-parallel 
A 2 3 ? anti-parallel 
B 1 2 ? anti-parallel 
B 2 3 ? anti-parallel 
# 
loop_
_struct_sheet_range.sheet_id 
_struct_sheet_range.id 
_struct_sheet_range.beg_label_comp_id 
_struct_sheet_range.beg_label_asym_id 
_struct_sheet_range.beg_label_seq_id 
_struct_sheet_range.pdbx_beg_PDB_ins_code 
_struct_sheet_range.end_label_comp_id 
_struct_sheet_range.end_label_asym_id 
_struct_sheet_range.end_label_seq_id 
_struct_sheet_range.pdbx_end_PDB_ins_code 
_struct_sheet_range.beg_auth_comp_id 
_struct_sheet_range.beg_auth_asym_id 
_struct_sheet_range.beg_auth_seq_id 
_struct_sheet_range.end_auth_comp_id 
_struct_sheet_range.end_auth_asym_id 
_struct_sheet_range.end_auth_seq_id 
A 1 ARG A 8  ? ASP A 14 ? ARG A 94  ASP A 100 
A 2 THR A 76 ? PRO A 82 ? THR A 162 PRO A 168 
A 3 SER A 68 ? LEU A 71 ? SER A 154 LEU A 157 
B 1 GLU A 22 ? LYS A 28 ? GLU A 108 LYS A 114 
B 2 VAL A 31 ? HIS A 38 ? VAL A 117 HIS A 124 
B 3 ARG A 50 ? THR A 57 ? ARG A 136 THR A 143 
# 
loop_
_pdbx_struct_sheet_hbond.sheet_id 
_pdbx_struct_sheet_hbond.range_id_1 
_pdbx_struct_sheet_hbond.range_id_2 
_pdbx_struct_sheet_hbond.range_1_label_atom_id 
_pdbx_struct_sheet_hbond.range_1_label_comp_id 
_pdbx_struct_sheet_hbond.range_1_label_asym_id 
_pdbx_struct_sheet_hbond.range_1_label_seq_id 
_pdbx_struct_sheet_hbond.range_1_PDB_ins_code 
_pdbx_struct_sheet_hbond.range_1_auth_atom_id 
_pdbx_struct_sheet_hbond.range_1_auth_comp_id 
_pdbx_struct_sheet_hbond.range_1_auth_asym_id 
_pdbx_struct_sheet_hbond.range_1_auth_seq_id 
_pdbx_struct_sheet_hbond.range_2_label_atom_id 
_pdbx_struct_sheet_hbond.range_2_label_comp_id 
_pdbx_struct_sheet_hbond.range_2_label_asym_id 
_pdbx_struct_sheet_hbond.range_2_label_seq_id 
_pdbx_struct_sheet_hbond.range_2_PDB_ins_code 
_pdbx_struct_sheet_hbond.range_2_auth_atom_id 
_pdbx_struct_sheet_hbond.range_2_auth_comp_id 
_pdbx_struct_sheet_hbond.range_2_auth_asym_id 
_pdbx_struct_sheet_hbond.range_2_auth_seq_id 
A 1 2 N LEU A 13 ? N LEU A 99  O LEU A 77 ? O LEU A 163 
A 2 3 O THR A 78 ? O THR A 164 N SER A 70 ? N SER A 156 
B 1 2 N LYS A 26 ? N LYS A 112 O GLU A 33 ? O GLU A 119 
B 2 3 N VAL A 32 ? N VAL A 118 O TYR A 56 ? O TYR A 142 
# 
_atom_sites.entry_id                    3Q9P 
_atom_sites.fract_transf_matrix[1][1]   -0.01309367 
_atom_sites.fract_transf_matrix[1][2]   -0.00432715 
_atom_sites.fract_transf_matrix[1][3]   -0.00622822 
_atom_sites.fract_transf_matrix[2][1]   -0.00934971 
_atom_sites.fract_transf_matrix[2][2]   -0.00913472 
_atom_sites.fract_transf_matrix[2][3]   0.00762148 
_atom_sites.fract_transf_matrix[3][1]   -0.00696717 
_atom_sites.fract_transf_matrix[3][2]   0.01225059 
_atom_sites.fract_transf_matrix[3][3]   0.00613589 
_atom_sites.fract_transf_vector[1]      0.349791 
_atom_sites.fract_transf_vector[2]      0.081660 
_atom_sites.fract_transf_vector[3]      0.218350 
# 
loop_
_atom_type.symbol 
C 
N 
O 
S 
# 
loop_
_atom_site.group_PDB 
_atom_site.id 
_atom_site.type_symbol 
_atom_site.label_atom_id 
_atom_site.label_alt_id 
_atom_site.label_comp_id 
_atom_site.label_asym_id 
_atom_site.label_entity_id 
_atom_site.label_seq_id 
_atom_site.pdbx_PDB_ins_code 
_atom_site.Cartn_x 
_atom_site.Cartn_y 
_atom_site.Cartn_z 
_atom_site.occupancy 
_atom_site.B_iso_or_equiv 
_atom_site.pdbx_formal_charge 
_atom_site.auth_seq_id 
_atom_site.auth_comp_id 
_atom_site.auth_asym_id 
_atom_site.auth_atom_id 
_atom_site.pdbx_PDB_model_num 
ATOM   1   N N   . SER A 1 3  ? 1.057   -0.335  -27.957 1.00 63.13 ? 89  SER A N   1 
ATOM   2   C CA  . SER A 1 3  ? -0.060  -0.869  -28.728 1.00 66.47 ? 89  SER A CA  1 
ATOM   3   C C   . SER A 1 3  ? -0.825  -1.959  -27.984 1.00 62.95 ? 89  SER A C   1 
ATOM   4   O O   . SER A 1 3  ? -0.587  -3.141  -28.225 1.00 56.92 ? 89  SER A O   1 
ATOM   5   C CB  . SER A 1 3  ? 0.440   -1.435  -30.062 1.00 65.75 ? 89  SER A CB  1 
ATOM   6   O OG  . SER A 1 3  ? -0.462  -2.413  -30.570 1.00 47.22 ? 89  SER A OG  1 
ATOM   7   N N   . HIS A 1 4  ? -1.738  -1.591  -27.088 1.00 48.71 ? 90  HIS A N   1 
ATOM   8   C CA  . HIS A 1 4  ? -2.028  -0.219  -26.682 1.00 44.23 ? 90  HIS A CA  1 
ATOM   9   C C   . HIS A 1 4  ? -2.384  -0.325  -25.210 1.00 44.30 ? 90  HIS A C   1 
ATOM   10  O O   . HIS A 1 4  ? -3.483  0.048   -24.806 1.00 42.88 ? 90  HIS A O   1 
ATOM   11  C CB  . HIS A 1 4  ? -3.261  0.317   -27.411 1.00 33.95 ? 90  HIS A CB  1 
ATOM   12  C CG  . HIS A 1 4  ? -2.975  0.907   -28.756 1.00 43.49 ? 90  HIS A CG  1 
ATOM   13  N ND1 . HIS A 1 4  ? -2.471  2.178   -28.919 1.00 45.36 ? 90  HIS A ND1 1 
ATOM   14  C CD2 . HIS A 1 4  ? -3.156  0.409   -30.003 1.00 41.45 ? 90  HIS A CD2 1 
ATOM   15  C CE1 . HIS A 1 4  ? -2.337  2.433   -30.208 1.00 49.34 ? 90  HIS A CE1 1 
ATOM   16  N NE2 . HIS A 1 4  ? -2.743  1.377   -30.887 1.00 41.87 ? 90  HIS A NE2 1 
ATOM   17  N N   . THR A 1 5  ? -1.465  -0.863  -24.417 1.00 48.31 ? 91  THR A N   1 
ATOM   18  C CA  . THR A 1 5  ? -1.781  -1.273  -23.055 1.00 46.57 ? 91  THR A CA  1 
ATOM   19  C C   . THR A 1 5  ? -1.047  -0.458  -21.998 1.00 47.68 ? 91  THR A C   1 
ATOM   20  O O   . THR A 1 5  ? 0.158   -0.240  -22.098 1.00 58.32 ? 91  THR A O   1 
ATOM   21  C CB  . THR A 1 5  ? -1.471  -2.767  -22.846 1.00 53.11 ? 91  THR A CB  1 
ATOM   22  O OG1 . THR A 1 5  ? -2.266  -3.558  -23.739 1.00 51.12 ? 91  THR A OG1 1 
ATOM   23  C CG2 . THR A 1 5  ? -1.766  -3.181  -21.415 1.00 60.25 ? 91  THR A CG2 1 
ATOM   24  N N   . ALA A 1 6  ? -1.788  -0.020  -20.983 1.00 40.97 ? 92  ALA A N   1 
ATOM   25  C CA  . ALA A 1 6  ? -1.220  0.696   -19.844 1.00 42.43 ? 92  ALA A CA  1 
ATOM   26  C C   . ALA A 1 6  ? -1.342  -0.132  -18.563 1.00 45.81 ? 92  ALA A C   1 
ATOM   27  O O   . ALA A 1 6  ? -2.265  0.066   -17.773 1.00 54.91 ? 92  ALA A O   1 
ATOM   28  C CB  . ALA A 1 6  ? -1.904  2.040   -19.673 1.00 43.50 ? 92  ALA A CB  1 
ATOM   29  N N   . ASP A 1 7  ? -0.403  -1.053  -18.367 1.00 52.17 ? 93  ASP A N   1 
ATOM   30  C CA  . ASP A 1 7  ? -0.433  -1.965  -17.228 1.00 51.89 ? 93  ASP A CA  1 
ATOM   31  C C   . ASP A 1 7  ? -0.298  -1.233  -15.899 1.00 45.14 ? 93  ASP A C   1 
ATOM   32  O O   . ASP A 1 7  ? 0.297   -0.158  -15.827 1.00 40.02 ? 93  ASP A O   1 
ATOM   33  C CB  . ASP A 1 7  ? 0.689   -3.000  -17.346 1.00 57.52 ? 93  ASP A CB  1 
ATOM   34  C CG  . ASP A 1 7  ? 0.671   -3.735  -18.671 1.00 67.83 ? 93  ASP A CG  1 
ATOM   35  O OD1 . ASP A 1 7  ? -0.413  -4.200  -19.081 1.00 59.59 ? 93  ASP A OD1 1 
ATOM   36  O OD2 . ASP A 1 7  ? 1.745   -3.858  -19.297 1.00 65.56 ? 93  ASP A OD2 1 
ATOM   37  N N   . ARG A 1 8  ? -0.855  -1.832  -14.850 1.00 45.24 ? 94  ARG A N   1 
ATOM   38  C CA  . ARG A 1 8  ? -0.731  -1.316  -13.492 1.00 38.86 ? 94  ARG A CA  1 
ATOM   39  C C   . ARG A 1 8  ? -0.474  -2.447  -12.511 1.00 31.20 ? 94  ARG A C   1 
ATOM   40  O O   . ARG A 1 8  ? -1.044  -3.525  -12.643 1.00 34.79 ? 94  ARG A O   1 
ATOM   41  C CB  . ARG A 1 8  ? -2.008  -0.589  -13.062 1.00 36.41 ? 94  ARG A CB  1 
ATOM   42  C CG  . ARG A 1 8  ? -1.979  0.915   -13.217 1.00 41.70 ? 94  ARG A CG  1 
ATOM   43  C CD  . ARG A 1 8  ? -3.218  1.548   -12.594 1.00 38.63 ? 94  ARG A CD  1 
ATOM   44  N NE  . ARG A 1 8  ? -4.446  0.907   -13.060 1.00 39.67 ? 94  ARG A NE  1 
ATOM   45  C CZ  . ARG A 1 8  ? -5.652  1.464   -13.005 1.00 47.40 ? 94  ARG A CZ  1 
ATOM   46  N NH1 . ARG A 1 8  ? -5.803  2.684   -12.506 1.00 52.32 ? 94  ARG A NH1 1 
ATOM   47  N NH2 . ARG A 1 8  ? -6.711  0.800   -13.456 1.00 41.02 ? 94  ARG A NH2 1 
ATOM   48  N N   . TRP A 1 9  ? 0.394   -2.195  -11.537 1.00 26.64 ? 95  TRP A N   1 
ATOM   49  C CA  . TRP A 1 9  ? 0.486   -3.041  -10.354 1.00 26.55 ? 95  TRP A CA  1 
ATOM   50  C C   . TRP A 1 9  ? -0.546  -2.511  -9.368  1.00 27.44 ? 95  TRP A C   1 
ATOM   51  O O   . TRP A 1 9  ? -0.679  -1.298  -9.200  1.00 30.78 ? 95  TRP A O   1 
ATOM   52  C CB  . TRP A 1 9  ? 1.894   -2.968  -9.751  1.00 31.86 ? 95  TRP A CB  1 
ATOM   53  C CG  . TRP A 1 9  ? 2.038   -3.618  -8.403  1.00 25.31 ? 95  TRP A CG  1 
ATOM   54  C CD1 . TRP A 1 9  ? 2.214   -4.951  -8.146  1.00 27.90 ? 95  TRP A CD1 1 
ATOM   55  C CD2 . TRP A 1 9  ? 2.040   -2.961  -7.129  1.00 29.08 ? 95  TRP A CD2 1 
ATOM   56  N NE1 . TRP A 1 9  ? 2.314   -5.162  -6.787  1.00 30.60 ? 95  TRP A NE1 1 
ATOM   57  C CE2 . TRP A 1 9  ? 2.210   -3.958  -6.143  1.00 30.91 ? 95  TRP A CE2 1 
ATOM   58  C CE3 . TRP A 1 9  ? 1.908   -1.627  -6.723  1.00 28.80 ? 95  TRP A CE3 1 
ATOM   59  C CZ2 . TRP A 1 9  ? 2.247   -3.663  -4.779  1.00 26.40 ? 95  TRP A CZ2 1 
ATOM   60  C CZ3 . TRP A 1 9  ? 1.951   -1.337  -5.367  1.00 30.52 ? 95  TRP A CZ3 1 
ATOM   61  C CH2 . TRP A 1 9  ? 2.119   -2.349  -4.414  1.00 25.94 ? 95  TRP A CH2 1 
ATOM   62  N N   . ARG A 1 10 ? -1.288  -3.405  -8.724  1.00 29.64 ? 96  ARG A N   1 
ATOM   63  C CA  . ARG A 1 10 ? -2.309  -2.972  -7.774  1.00 25.70 ? 96  ARG A CA  1 
ATOM   64  C C   . ARG A 1 10 ? -2.615  -4.040  -6.739  1.00 29.26 ? 96  ARG A C   1 
ATOM   65  O O   . ARG A 1 10 ? -2.795  -5.204  -7.077  1.00 33.89 ? 96  ARG A O   1 
ATOM   66  C CB  . ARG A 1 10 ? -3.599  -2.579  -8.500  1.00 27.98 ? 96  ARG A CB  1 
ATOM   67  C CG  . ARG A 1 10 ? -4.763  -2.272  -7.565  1.00 37.97 ? 96  ARG A CG  1 
ATOM   68  C CD  . ARG A 1 10 ? -6.071  -2.159  -8.333  1.00 51.37 ? 96  ARG A CD  1 
ATOM   69  N NE  . ARG A 1 10 ? -6.248  -0.836  -8.925  1.00 50.87 ? 96  ARG A NE  1 
ATOM   70  C CZ  . ARG A 1 10 ? -7.153  -0.549  -9.857  1.00 55.81 ? 96  ARG A CZ  1 
ATOM   71  N NH1 . ARG A 1 10 ? -7.962  -1.495  -10.315 1.00 41.15 ? 96  ARG A NH1 1 
ATOM   72  N NH2 . ARG A 1 10 ? -7.244  0.683   -10.337 1.00 52.38 ? 96  ARG A NH2 1 
ATOM   73  N N   . VAL A 1 11 ? -2.661  -3.626  -5.475  1.00 27.56 ? 97  VAL A N   1 
ATOM   74  C CA  . VAL A 1 11 ? -3.034  -4.506  -4.375  1.00 32.55 ? 97  VAL A CA  1 
ATOM   75  C C   . VAL A 1 11 ? -4.058  -3.813  -3.478  1.00 31.86 ? 97  VAL A C   1 
ATOM   76  O O   . VAL A 1 11 ? -4.176  -2.589  -3.493  1.00 34.51 ? 97  VAL A O   1 
ATOM   77  C CB  . VAL A 1 11 ? -1.807  -4.908  -3.532  1.00 36.10 ? 97  VAL A CB  1 
ATOM   78  C CG1 . VAL A 1 11 ? -0.808  -5.679  -4.381  1.00 36.61 ? 97  VAL A CG1 1 
ATOM   79  C CG2 . VAL A 1 11 ? -1.153  -3.676  -2.915  1.00 24.98 ? 97  VAL A CG2 1 
ATOM   80  N N   . SER A 1 12 ? -4.800  -4.594  -2.699  1.00 37.14 ? 98  SER A N   1 
ATOM   81  C CA  . SER A 1 12 ? -5.782  -4.027  -1.779  1.00 35.18 ? 98  SER A CA  1 
ATOM   82  C C   . SER A 1 12 ? -5.729  -4.703  -0.410  1.00 38.38 ? 98  SER A C   1 
ATOM   83  O O   . SER A 1 12 ? -5.492  -5.907  -0.309  1.00 33.18 ? 98  SER A O   1 
ATOM   84  C CB  . SER A 1 12 ? -7.193  -4.116  -2.364  1.00 39.07 ? 98  SER A CB  1 
ATOM   85  O OG  . SER A 1 12 ? -7.576  -5.463  -2.562  1.00 46.38 ? 98  SER A OG  1 
ATOM   86  N N   . LEU A 1 13 ? -5.963  -3.914  0.635   1.00 35.80 ? 99  LEU A N   1 
ATOM   87  C CA  . LEU A 1 13 ? -5.877  -4.379  2.016   1.00 33.19 ? 99  LEU A CA  1 
ATOM   88  C C   . LEU A 1 13 ? -7.129  -4.019  2.802   1.00 31.44 ? 99  LEU A C   1 
ATOM   89  O O   . LEU A 1 13 ? -7.535  -2.859  2.815   1.00 29.20 ? 99  LEU A O   1 
ATOM   90  C CB  . LEU A 1 13 ? -4.671  -3.744  2.712   1.00 38.95 ? 99  LEU A CB  1 
ATOM   91  C CG  . LEU A 1 13 ? -3.470  -4.624  3.045   1.00 48.93 ? 99  LEU A CG  1 
ATOM   92  C CD1 . LEU A 1 13 ? -2.443  -3.832  3.840   1.00 36.04 ? 99  LEU A CD1 1 
ATOM   93  C CD2 . LEU A 1 13 ? -3.923  -5.847  3.829   1.00 52.50 ? 99  LEU A CD2 1 
ATOM   94  N N   . ASP A 1 14 ? -7.729  -5.004  3.464   1.00 32.16 ? 100 ASP A N   1 
ATOM   95  C CA  . ASP A 1 14 ? -8.883  -4.741  4.324   1.00 34.64 ? 100 ASP A CA  1 
ATOM   96  C C   . ASP A 1 14 ? -8.438  -4.271  5.707   1.00 31.09 ? 100 ASP A C   1 
ATOM   97  O O   . ASP A 1 14 ? -8.058  -5.066  6.567   1.00 39.61 ? 100 ASP A O   1 
ATOM   98  C CB  . ASP A 1 14 ? -9.781  -5.972  4.444   1.00 43.11 ? 100 ASP A CB  1 
ATOM   99  C CG  . ASP A 1 14 ? -11.002 -5.719  5.313   1.00 53.79 ? 100 ASP A CG  1 
ATOM   100 O OD1 . ASP A 1 14 ? -11.461 -4.559  5.377   1.00 42.09 ? 100 ASP A OD1 1 
ATOM   101 O OD2 . ASP A 1 14 ? -11.494 -6.682  5.938   1.00 64.78 ? 100 ASP A OD2 1 
ATOM   102 N N   . VAL A 1 15 ? -8.522  -2.967  5.913   1.00 31.67 ? 101 VAL A N   1 
ATOM   103 C CA  . VAL A 1 15 ? -7.938  -2.316  7.070   1.00 32.94 ? 101 VAL A CA  1 
ATOM   104 C C   . VAL A 1 15 ? -9.013  -1.859  8.065   1.00 34.29 ? 101 VAL A C   1 
ATOM   105 O O   . VAL A 1 15 ? -8.733  -1.186  9.060   1.00 33.79 ? 101 VAL A O   1 
ATOM   106 C CB  . VAL A 1 15 ? -7.040  -1.151  6.568   1.00 35.51 ? 101 VAL A CB  1 
ATOM   107 C CG1 . VAL A 1 15 ? -7.316  0.142   7.292   1.00 46.47 ? 101 VAL A CG1 1 
ATOM   108 C CG2 . VAL A 1 15 ? -5.562  -1.558  6.599   1.00 32.52 ? 101 VAL A CG2 1 
ATOM   109 N N   . ASN A 1 16 ? -10.248 -2.278  7.809   1.00 41.42 ? 102 ASN A N   1 
ATOM   110 C CA  . ASN A 1 16 ? -11.392 -1.891  8.634   1.00 40.96 ? 102 ASN A CA  1 
ATOM   111 C C   . ASN A 1 16 ? -11.292 -2.374  10.080  1.00 45.93 ? 102 ASN A C   1 
ATOM   112 O O   . ASN A 1 16 ? -11.332 -1.574  11.018  1.00 42.90 ? 102 ASN A O   1 
ATOM   113 C CB  . ASN A 1 16 ? -12.688 -2.416  8.015   1.00 45.91 ? 102 ASN A CB  1 
ATOM   114 C CG  . ASN A 1 16 ? -13.902 -2.127  8.872   1.00 62.84 ? 102 ASN A CG  1 
ATOM   115 O OD1 . ASN A 1 16 ? -14.118 -0.992  9.299   1.00 74.07 ? 102 ASN A OD1 1 
ATOM   116 N ND2 . ASN A 1 16 ? -14.700 -3.155  9.132   1.00 71.75 ? 102 ASN A ND2 1 
ATOM   117 N N   . HIS A 1 17 ? -11.171 -3.690  10.243  1.00 48.45 ? 103 HIS A N   1 
ATOM   118 C CA  . HIS A 1 17 ? -11.072 -4.329  11.553  1.00 49.82 ? 103 HIS A CA  1 
ATOM   119 C C   . HIS A 1 17 ? -9.942  -3.738  12.392  1.00 50.32 ? 103 HIS A C   1 
ATOM   120 O O   . HIS A 1 17 ? -10.105 -3.512  13.595  1.00 45.76 ? 103 HIS A O   1 
ATOM   121 C CB  . HIS A 1 17 ? -10.876 -5.840  11.378  1.00 53.09 ? 103 HIS A CB  1 
ATOM   122 C CG  . HIS A 1 17 ? -10.983 -6.623  12.653  1.00 72.18 ? 103 HIS A CG  1 
ATOM   123 N ND1 . HIS A 1 17 ? -9.916  -7.301  13.201  1.00 70.66 ? 103 HIS A ND1 1 
ATOM   124 C CD2 . HIS A 1 17 ? -12.033 -6.845  13.478  1.00 66.95 ? 103 HIS A CD2 1 
ATOM   125 C CE1 . HIS A 1 17 ? -10.303 -7.903  14.311  1.00 69.97 ? 103 HIS A CE1 1 
ATOM   126 N NE2 . HIS A 1 17 ? -11.583 -7.643  14.502  1.00 61.43 ? 103 HIS A NE2 1 
ATOM   127 N N   . PHE A 1 18 ? -8.801  -3.485  11.757  1.00 39.86 ? 104 PHE A N   1 
ATOM   128 C CA  . PHE A 1 18 ? -7.660  -2.899  12.457  1.00 36.02 ? 104 PHE A CA  1 
ATOM   129 C C   . PHE A 1 18 ? -7.952  -1.455  12.845  1.00 44.08 ? 104 PHE A C   1 
ATOM   130 O O   . PHE A 1 18 ? -7.501  -0.977  13.886  1.00 41.65 ? 104 PHE A O   1 
ATOM   131 C CB  . PHE A 1 18 ? -6.388  -2.960  11.604  1.00 34.36 ? 104 PHE A CB  1 
ATOM   132 C CG  . PHE A 1 18 ? -5.165  -2.458  12.317  1.00 35.03 ? 104 PHE A CG  1 
ATOM   133 C CD1 . PHE A 1 18 ? -4.394  -3.316  13.086  1.00 35.21 ? 104 PHE A CD1 1 
ATOM   134 C CD2 . PHE A 1 18 ? -4.800  -1.121  12.239  1.00 33.74 ? 104 PHE A CD2 1 
ATOM   135 C CE1 . PHE A 1 18 ? -3.281  -2.856  13.754  1.00 35.51 ? 104 PHE A CE1 1 
ATOM   136 C CE2 . PHE A 1 18 ? -3.686  -0.654  12.905  1.00 29.13 ? 104 PHE A CE2 1 
ATOM   137 C CZ  . PHE A 1 18 ? -2.924  -1.523  13.664  1.00 39.86 ? 104 PHE A CZ  1 
ATOM   138 N N   . ALA A 1 19 ? -8.709  -0.764  11.997  1.00 37.56 ? 105 ALA A N   1 
ATOM   139 C CA  . ALA A 1 19 ? -9.143  0.595   12.286  1.00 34.63 ? 105 ALA A CA  1 
ATOM   140 C C   . ALA A 1 19 ? -7.962  1.474   12.631  1.00 47.07 ? 105 ALA A C   1 
ATOM   141 O O   . ALA A 1 19 ? -7.876  1.976   13.739  1.00 46.44 ? 105 ALA A O   1 
ATOM   142 C CB  . ALA A 1 19 ? -10.147 0.593   13.435  1.00 36.22 ? 105 ALA A CB  1 
ATOM   143 N N   . PRO A 1 20 ? -7.047  1.667   11.678  1.00 41.37 ? 106 PRO A N   1 
ATOM   144 C CA  . PRO A 1 20 ? -5.811  2.421   11.907  1.00 40.57 ? 106 PRO A CA  1 
ATOM   145 C C   . PRO A 1 20 ? -6.097  3.867   12.305  1.00 51.71 ? 106 PRO A C   1 
ATOM   146 O O   . PRO A 1 20 ? -7.085  4.443   11.849  1.00 46.05 ? 106 PRO A O   1 
ATOM   147 C CB  . PRO A 1 20 ? -5.118  2.387   10.537  1.00 36.63 ? 106 PRO A CB  1 
ATOM   148 C CG  . PRO A 1 20 ? -5.798  1.294   9.779   1.00 39.49 ? 106 PRO A CG  1 
ATOM   149 C CD  . PRO A 1 20 ? -7.203  1.291   10.267  1.00 40.42 ? 106 PRO A CD  1 
ATOM   150 N N   . ASP A 1 21 ? -5.262  4.424   13.179  1.00 44.48 ? 107 ASP A N   1 
ATOM   151 C CA  . ASP A 1 21 ? -5.308  5.845   13.503  1.00 45.50 ? 107 ASP A CA  1 
ATOM   152 C C   . ASP A 1 21 ? -4.431  6.575   12.511  1.00 58.56 ? 107 ASP A C   1 
ATOM   153 O O   . ASP A 1 21 ? -4.579  7.774   12.284  1.00 58.22 ? 107 ASP A O   1 
ATOM   154 C CB  . ASP A 1 21 ? -4.809  6.110   14.924  1.00 46.23 ? 107 ASP A CB  1 
ATOM   155 C CG  . ASP A 1 21 ? -5.936  6.202   15.931  1.00 51.66 ? 107 ASP A CG  1 
ATOM   156 O OD1 . ASP A 1 21 ? -5.913  7.125   16.770  1.00 79.76 ? 107 ASP A OD1 1 
ATOM   157 O OD2 . ASP A 1 21 ? -6.847  5.361   15.890  1.00 37.55 ? 107 ASP A OD2 1 
ATOM   158 N N   . GLU A 1 22 ? -3.505  5.827   11.928  1.00 42.10 ? 108 GLU A N   1 
ATOM   159 C CA  . GLU A 1 22 ? -2.666  6.332   10.863  1.00 54.87 ? 108 GLU A CA  1 
ATOM   160 C C   . GLU A 1 22 ? -2.148  5.152   10.068  1.00 37.02 ? 108 GLU A C   1 
ATOM   161 O O   . GLU A 1 22 ? -1.899  4.078   10.615  1.00 31.84 ? 108 GLU A O   1 
ATOM   162 C CB  . GLU A 1 22 ? -1.501  7.155   11.412  1.00 51.61 ? 108 GLU A CB  1 
ATOM   163 C CG  . GLU A 1 22 ? -0.392  6.324   12.030  1.00 61.44 ? 108 GLU A CG  1 
ATOM   164 C CD  . GLU A 1 22 ? 0.323   7.057   13.144  1.00 73.68 ? 108 GLU A CD  1 
ATOM   165 O OE1 . GLU A 1 22 ? 0.335   8.306   13.122  1.00 86.72 ? 108 GLU A OE1 1 
ATOM   166 O OE2 . GLU A 1 22 ? 0.864   6.385   14.045  1.00 83.98 ? 108 GLU A OE2 1 
ATOM   167 N N   . LEU A 1 23 ? -2.024  5.360   8.768   1.00 43.32 ? 109 LEU A N   1 
ATOM   168 C CA  . LEU A 1 23 ? -1.397  4.404   7.888   1.00 38.63 ? 109 LEU A CA  1 
ATOM   169 C C   . LEU A 1 23 ? -0.226  5.127   7.263   1.00 42.05 ? 109 LEU A C   1 
ATOM   170 O O   . LEU A 1 23 ? -0.292  6.334   7.020   1.00 35.83 ? 109 LEU A O   1 
ATOM   171 C CB  . LEU A 1 23 ? -2.374  3.965   6.803   1.00 33.30 ? 109 LEU A CB  1 
ATOM   172 C CG  . LEU A 1 23 ? -3.586  3.161   7.259   1.00 41.12 ? 109 LEU A CG  1 
ATOM   173 C CD1 . LEU A 1 23 ? -4.685  3.197   6.206   1.00 43.21 ? 109 LEU A CD1 1 
ATOM   174 C CD2 . LEU A 1 23 ? -3.179  1.728   7.582   1.00 39.10 ? 109 LEU A CD2 1 
ATOM   175 N N   . THR A 1 24 ? 0.850   4.395   7.013   1.00 31.92 ? 110 THR A N   1 
ATOM   176 C CA  . THR A 1 24 ? 1.956   4.931   6.248   1.00 29.71 ? 110 THR A CA  1 
ATOM   177 C C   . THR A 1 24 ? 2.231   3.985   5.095   1.00 31.89 ? 110 THR A C   1 
ATOM   178 O O   . THR A 1 24 ? 2.164   2.767   5.256   1.00 27.39 ? 110 THR A O   1 
ATOM   179 C CB  . THR A 1 24 ? 3.220   5.090   7.109   1.00 33.10 ? 110 THR A CB  1 
ATOM   180 O OG1 . THR A 1 24 ? 2.929   5.937   8.229   1.00 36.88 ? 110 THR A OG1 1 
ATOM   181 C CG2 . THR A 1 24 ? 4.344   5.708   6.292   1.00 35.62 ? 110 THR A CG2 1 
ATOM   182 N N   . VAL A 1 25 ? 2.508   4.542   3.924   1.00 28.10 ? 111 VAL A N   1 
ATOM   183 C CA  . VAL A 1 25 ? 2.853   3.732   2.767   1.00 22.22 ? 111 VAL A CA  1 
ATOM   184 C C   . VAL A 1 25 ? 4.239   4.148   2.291   1.00 30.88 ? 111 VAL A C   1 
ATOM   185 O O   . VAL A 1 25 ? 4.422   5.246   1.764   1.00 32.73 ? 111 VAL A O   1 
ATOM   186 C CB  . VAL A 1 25 ? 1.819   3.897   1.633   1.00 31.18 ? 111 VAL A CB  1 
ATOM   187 C CG1 . VAL A 1 25 ? 2.184   3.029   0.441   1.00 26.42 ? 111 VAL A CG1 1 
ATOM   188 C CG2 . VAL A 1 25 ? 0.423   3.550   2.145   1.00 30.57 ? 111 VAL A CG2 1 
ATOM   189 N N   . LYS A 1 26 ? 5.221   3.277   2.503   1.00 26.08 ? 112 LYS A N   1 
ATOM   190 C CA  . LYS A 1 26 ? 6.611   3.593   2.182   1.00 24.56 ? 112 LYS A CA  1 
ATOM   191 C C   . LYS A 1 26 ? 7.168   2.706   1.074   1.00 28.54 ? 112 LYS A C   1 
ATOM   192 O O   . LYS A 1 26 ? 7.102   1.485   1.159   1.00 28.87 ? 112 LYS A O   1 
ATOM   193 C CB  . LYS A 1 26 ? 7.494   3.463   3.426   1.00 29.75 ? 112 LYS A CB  1 
ATOM   194 C CG  . LYS A 1 26 ? 8.962   3.744   3.135   1.00 37.04 ? 112 LYS A CG  1 
ATOM   195 C CD  . LYS A 1 26 ? 9.865   3.383   4.302   1.00 52.44 ? 112 LYS A CD  1 
ATOM   196 C CE  . LYS A 1 26 ? 10.177  1.893   4.331   1.00 56.89 ? 112 LYS A CE  1 
ATOM   197 N NZ  . LYS A 1 26 ? 11.257  1.574   5.307   1.00 78.31 ? 112 LYS A NZ  1 
ATOM   198 N N   . THR A 1 27 ? 7.729   3.329   0.045   1.00 23.41 ? 113 THR A N   1 
ATOM   199 C CA  . THR A 1 27 ? 8.316   2.585   -1.063  1.00 24.11 ? 113 THR A CA  1 
ATOM   200 C C   . THR A 1 27 ? 9.829   2.776   -1.095  1.00 31.69 ? 113 THR A C   1 
ATOM   201 O O   . THR A 1 27 ? 10.317  3.899   -1.197  1.00 27.08 ? 113 THR A O   1 
ATOM   202 C CB  . THR A 1 27 ? 7.697   2.994   -2.411  1.00 24.19 ? 113 THR A CB  1 
ATOM   203 O OG1 . THR A 1 27 ? 6.279   2.787   -2.366  1.00 26.86 ? 113 THR A OG1 1 
ATOM   204 C CG2 . THR A 1 27 ? 8.294   2.173   -3.554  1.00 22.53 ? 113 THR A CG2 1 
ATOM   205 N N   . LYS A 1 28 ? 10.566  1.674   -0.997  1.00 25.41 ? 114 LYS A N   1 
ATOM   206 C CA  . LYS A 1 28 ? 12.025  1.737   -0.970  1.00 21.78 ? 114 LYS A CA  1 
ATOM   207 C C   . LYS A 1 28 ? 12.632  0.393   -1.367  1.00 38.26 ? 114 LYS A C   1 
ATOM   208 O O   . LYS A 1 28 ? 12.138  -0.661  -0.967  1.00 31.88 ? 114 LYS A O   1 
ATOM   209 C CB  . LYS A 1 28 ? 12.501  2.139   0.431   1.00 27.79 ? 114 LYS A CB  1 
ATOM   210 C CG  . LYS A 1 28 ? 14.001  2.064   0.639   1.00 34.61 ? 114 LYS A CG  1 
ATOM   211 C CD  . LYS A 1 28 ? 14.375  2.537   2.036   1.00 38.58 ? 114 LYS A CD  1 
ATOM   212 C CE  . LYS A 1 28 ? 15.859  2.348   2.309   1.00 48.24 ? 114 LYS A CE  1 
ATOM   213 N NZ  . LYS A 1 28 ? 16.277  2.930   3.616   1.00 64.70 ? 114 LYS A NZ  1 
ATOM   214 N N   . ASP A 1 29 ? 13.693  0.437   -2.165  1.00 36.87 ? 115 ASP A N   1 
ATOM   215 C CA  . ASP A 1 29 ? 14.421  -0.764  -2.568  1.00 32.58 ? 115 ASP A CA  1 
ATOM   216 C C   . ASP A 1 29 ? 13.535  -1.827  -3.213  1.00 30.38 ? 115 ASP A C   1 
ATOM   217 O O   . ASP A 1 29 ? 13.738  -3.023  -2.999  1.00 37.11 ? 115 ASP A O   1 
ATOM   218 C CB  . ASP A 1 29 ? 15.160  -1.372  -1.375  1.00 29.69 ? 115 ASP A CB  1 
ATOM   219 C CG  . ASP A 1 29 ? 16.293  -0.493  -0.880  1.00 51.33 ? 115 ASP A CG  1 
ATOM   220 O OD1 . ASP A 1 29 ? 16.888  0.235   -1.702  1.00 45.89 ? 115 ASP A OD1 1 
ATOM   221 O OD2 . ASP A 1 29 ? 16.590  -0.537  0.336   1.00 49.41 ? 115 ASP A OD2 1 
ATOM   222 N N   . GLY A 1 30 ? 12.554  -1.391  -3.996  1.00 30.82 ? 116 GLY A N   1 
ATOM   223 C CA  . GLY A 1 30 ? 11.691  -2.308  -4.721  1.00 31.58 ? 116 GLY A CA  1 
ATOM   224 C C   . GLY A 1 30 ? 10.683  -3.033  -3.849  1.00 30.12 ? 116 GLY A C   1 
ATOM   225 O O   . GLY A 1 30 ? 10.138  -4.061  -4.250  1.00 26.78 ? 116 GLY A O   1 
ATOM   226 N N   . VAL A 1 31 ? 10.440  -2.505  -2.652  1.00 27.40 ? 117 VAL A N   1 
ATOM   227 C CA  . VAL A 1 31 ? 9.456   -3.078  -1.743  1.00 29.37 ? 117 VAL A CA  1 
ATOM   228 C C   . VAL A 1 31 ? 8.507   -1.997  -1.247  1.00 25.36 ? 117 VAL A C   1 
ATOM   229 O O   . VAL A 1 31 ? 8.934   -0.898  -0.896  1.00 29.29 ? 117 VAL A O   1 
ATOM   230 C CB  . VAL A 1 31 ? 10.134  -3.738  -0.512  1.00 32.09 ? 117 VAL A CB  1 
ATOM   231 C CG1 . VAL A 1 31 ? 9.086   -4.341  0.406   1.00 29.15 ? 117 VAL A CG1 1 
ATOM   232 C CG2 . VAL A 1 31 ? 11.128  -4.800  -0.948  1.00 32.05 ? 117 VAL A CG2 1 
ATOM   233 N N   . VAL A 1 32 ? 7.214   -2.299  -1.237  1.00 23.98 ? 118 VAL A N   1 
ATOM   234 C CA  . VAL A 1 32 ? 6.241   -1.386  -0.657  1.00 25.92 ? 118 VAL A CA  1 
ATOM   235 C C   . VAL A 1 32 ? 5.889   -1.868  0.741   1.00 26.60 ? 118 VAL A C   1 
ATOM   236 O O   . VAL A 1 32 ? 5.453   -3.004  0.921   1.00 26.46 ? 118 VAL A O   1 
ATOM   237 C CB  . VAL A 1 32 ? 4.958   -1.301  -1.506  1.00 29.57 ? 118 VAL A CB  1 
ATOM   238 C CG1 . VAL A 1 32 ? 3.895   -0.479  -0.787  1.00 26.72 ? 118 VAL A CG1 1 
ATOM   239 C CG2 . VAL A 1 32 ? 5.274   -0.709  -2.878  1.00 26.54 ? 118 VAL A CG2 1 
ATOM   240 N N   . GLU A 1 33 ? 6.093   -1.003  1.730   1.00 29.66 ? 119 GLU A N   1 
ATOM   241 C CA  . GLU A 1 33 ? 5.838   -1.352  3.123   1.00 23.12 ? 119 GLU A CA  1 
ATOM   242 C C   . GLU A 1 33 ? 4.677   -0.538  3.685   1.00 27.70 ? 119 GLU A C   1 
ATOM   243 O O   . GLU A 1 33 ? 4.741   0.687   3.740   1.00 31.44 ? 119 GLU A O   1 
ATOM   244 C CB  . GLU A 1 33 ? 7.105   -1.141  3.967   1.00 31.29 ? 119 GLU A CB  1 
ATOM   245 C CG  . GLU A 1 33 ? 6.947   -1.467  5.448   1.00 38.33 ? 119 GLU A CG  1 
ATOM   246 C CD  . GLU A 1 33 ? 8.259   -1.356  6.218   1.00 42.34 ? 119 GLU A CD  1 
ATOM   247 O OE1 . GLU A 1 33 ? 9.251   -0.850  5.654   1.00 50.64 ? 119 GLU A OE1 1 
ATOM   248 O OE2 . GLU A 1 33 ? 8.301   -1.775  7.390   1.00 59.79 ? 119 GLU A OE2 1 
ATOM   249 N N   . ILE A 1 34 ? 3.612   -1.224  4.092   1.00 26.80 ? 120 ILE A N   1 
ATOM   250 C CA  . ILE A 1 34 ? 2.446   -0.563  4.678   1.00 21.32 ? 120 ILE A CA  1 
ATOM   251 C C   . ILE A 1 34 ? 2.365   -0.815  6.182   1.00 25.54 ? 120 ILE A C   1 
ATOM   252 O O   . ILE A 1 34 ? 2.387   -1.958  6.631   1.00 25.69 ? 120 ILE A O   1 
ATOM   253 C CB  . ILE A 1 34 ? 1.151   -1.037  4.010   1.00 27.38 ? 120 ILE A CB  1 
ATOM   254 C CG1 . ILE A 1 34 ? 1.178   -0.683  2.525   1.00 29.75 ? 120 ILE A CG1 1 
ATOM   255 C CG2 . ILE A 1 34 ? -0.067  -0.415  4.688   1.00 29.26 ? 120 ILE A CG2 1 
ATOM   256 C CD1 . ILE A 1 34 ? 0.391   -1.637  1.662   1.00 40.64 ? 120 ILE A CD1 1 
ATOM   257 N N   . THR A 1 35 ? 2.276   0.259   6.957   1.00 22.90 ? 121 THR A N   1 
ATOM   258 C CA  . THR A 1 35 ? 2.225   0.137   8.404   1.00 22.29 ? 121 THR A CA  1 
ATOM   259 C C   . THR A 1 35 ? 1.004   0.840   8.992   1.00 30.97 ? 121 THR A C   1 
ATOM   260 O O   . THR A 1 35 ? 0.658   1.949   8.585   1.00 26.63 ? 121 THR A O   1 
ATOM   261 C CB  . THR A 1 35 ? 3.498   0.714   9.051   1.00 27.22 ? 121 THR A CB  1 
ATOM   262 O OG1 . THR A 1 35 ? 4.635   -0.040  8.619   1.00 34.43 ? 121 THR A OG1 1 
ATOM   263 C CG2 . THR A 1 35 ? 3.399   0.659   10.566  1.00 39.36 ? 121 THR A CG2 1 
ATOM   264 N N   . GLY A 1 36 ? 0.351   0.183   9.948   1.00 29.22 ? 122 GLY A N   1 
ATOM   265 C CA  . GLY A 1 36 ? -0.764  0.779   10.663  1.00 29.27 ? 122 GLY A CA  1 
ATOM   266 C C   . GLY A 1 36 ? -0.524  0.778   12.163  1.00 30.71 ? 122 GLY A C   1 
ATOM   267 O O   . GLY A 1 36 ? 0.082   -0.153  12.697  1.00 26.96 ? 122 GLY A O   1 
ATOM   268 N N   . LYS A 1 37 ? -0.985  1.829   12.836  1.00 27.10 ? 123 LYS A N   1 
ATOM   269 C CA  . LYS A 1 37 ? -0.867  1.945   14.288  1.00 33.74 ? 123 LYS A CA  1 
ATOM   270 C C   . LYS A 1 37 ? -2.212  2.367   14.882  1.00 38.69 ? 123 LYS A C   1 
ATOM   271 O O   . LYS A 1 37 ? -2.847  3.304   14.400  1.00 33.68 ? 123 LYS A O   1 
ATOM   272 C CB  . LYS A 1 37 ? 0.207   2.965   14.671  1.00 42.34 ? 123 LYS A CB  1 
ATOM   273 C CG  . LYS A 1 37 ? 1.631   2.569   14.294  1.00 46.22 ? 123 LYS A CG  1 
ATOM   274 C CD  . LYS A 1 37 ? 2.651   3.425   15.042  1.00 53.83 ? 123 LYS A CD  1 
ATOM   275 C CE  . LYS A 1 37 ? 4.077   3.073   14.645  1.00 64.26 ? 123 LYS A CE  1 
ATOM   276 N NZ  . LYS A 1 37 ? 4.382   3.511   13.255  1.00 79.51 ? 123 LYS A NZ  1 
ATOM   277 N N   . HIS A 1 38 ? -2.646  1.670   15.924  1.00 31.69 ? 124 HIS A N   1 
ATOM   278 C CA  . HIS A 1 38 ? -3.953  1.925   16.516  1.00 35.63 ? 124 HIS A CA  1 
ATOM   279 C C   . HIS A 1 38 ? -3.874  1.942   18.031  1.00 42.23 ? 124 HIS A C   1 
ATOM   280 O O   . HIS A 1 38 ? -3.643  0.906   18.653  1.00 45.35 ? 124 HIS A O   1 
ATOM   281 C CB  . HIS A 1 38 ? -4.959  0.866   16.070  1.00 36.56 ? 124 HIS A CB  1 
ATOM   282 C CG  . HIS A 1 38 ? -6.292  0.988   16.737  1.00 43.24 ? 124 HIS A CG  1 
ATOM   283 N ND1 . HIS A 1 38 ? -7.331  1.712   16.194  1.00 36.75 ? 124 HIS A ND1 1 
ATOM   284 C CD2 . HIS A 1 38 ? -6.754  0.495   17.912  1.00 55.92 ? 124 HIS A CD2 1 
ATOM   285 C CE1 . HIS A 1 38 ? -8.376  1.655   17.000  1.00 51.56 ? 124 HIS A CE1 1 
ATOM   286 N NE2 . HIS A 1 38 ? -8.053  0.921   18.048  1.00 64.49 ? 124 HIS A NE2 1 
ATOM   287 N N   . ALA A 1 39 ? -4.075  3.123   18.614  1.00 39.29 ? 125 ALA A N   1 
ATOM   288 C CA  . ALA A 1 39 ? -4.040  3.297   20.068  1.00 52.52 ? 125 ALA A CA  1 
ATOM   289 C C   . ALA A 1 39 ? -4.204  4.765   20.470  1.00 66.71 ? 125 ALA A C   1 
ATOM   290 O O   . ALA A 1 39 ? -5.316  5.298   20.509  1.00 62.99 ? 125 ALA A O   1 
ATOM   291 C CB  . ALA A 1 39 ? -2.747  2.744   20.628  1.00 70.76 ? 125 ALA A CB  1 
ATOM   292 N N   . TYR A 1 47 ? -2.496  1.972   26.034  1.00 62.67 ? 133 TYR A N   1 
ATOM   293 C CA  . TYR A 1 47 ? -2.494  0.574   25.629  1.00 64.34 ? 133 TYR A CA  1 
ATOM   294 C C   . TYR A 1 47 ? -3.888  -0.017  25.816  1.00 57.62 ? 133 TYR A C   1 
ATOM   295 O O   . TYR A 1 47 ? -4.678  0.497   26.608  1.00 75.02 ? 133 TYR A O   1 
ATOM   296 C CB  . TYR A 1 47 ? -1.471  -0.210  26.449  1.00 60.24 ? 133 TYR A CB  1 
ATOM   297 C CG  . TYR A 1 47 ? -1.965  -0.601  27.819  1.00 61.54 ? 133 TYR A CG  1 
ATOM   298 C CD1 . TYR A 1 47 ? -2.422  -1.888  28.069  1.00 65.79 ? 133 TYR A CD1 1 
ATOM   299 C CD2 . TYR A 1 47 ? -1.993  0.320   28.860  1.00 63.12 ? 133 TYR A CD2 1 
ATOM   300 C CE1 . TYR A 1 47 ? -2.887  -2.253  29.316  1.00 56.52 ? 133 TYR A CE1 1 
ATOM   301 C CE2 . TYR A 1 47 ? -2.451  -0.038  30.116  1.00 59.74 ? 133 TYR A CE2 1 
ATOM   302 C CZ  . TYR A 1 47 ? -2.898  -1.325  30.336  1.00 69.97 ? 133 TYR A CZ  1 
ATOM   303 O OH  . TYR A 1 47 ? -3.356  -1.691  31.583  1.00 72.02 ? 133 TYR A OH  1 
ATOM   304 N N   . ILE A 1 48 ? -4.193  -1.101  25.105  1.00 38.00 ? 134 ILE A N   1 
ATOM   305 C CA  . ILE A 1 48 ? -3.236  -1.795  24.246  1.00 36.56 ? 134 ILE A CA  1 
ATOM   306 C C   . ILE A 1 48 ? -3.044  -1.130  22.887  1.00 43.86 ? 134 ILE A C   1 
ATOM   307 O O   . ILE A 1 48 ? -4.007  -0.920  22.148  1.00 40.27 ? 134 ILE A O   1 
ATOM   308 C CB  . ILE A 1 48 ? -3.682  -3.247  24.002  1.00 37.81 ? 134 ILE A CB  1 
ATOM   309 C CG1 . ILE A 1 48 ? -3.964  -3.953  25.328  1.00 47.54 ? 134 ILE A CG1 1 
ATOM   310 C CG2 . ILE A 1 48 ? -2.641  -3.997  23.186  1.00 48.32 ? 134 ILE A CG2 1 
ATOM   311 C CD1 . ILE A 1 48 ? -4.766  -5.235  25.179  1.00 44.73 ? 134 ILE A CD1 1 
ATOM   312 N N   . SER A 1 49 ? -1.795  -0.799  22.563  1.00 40.18 ? 135 SER A N   1 
ATOM   313 C CA  . SER A 1 49 ? -1.453  -0.311  21.232  1.00 37.05 ? 135 SER A CA  1 
ATOM   314 C C   . SER A 1 49 ? -1.273  -1.491  20.291  1.00 38.93 ? 135 SER A C   1 
ATOM   315 O O   . SER A 1 49 ? -0.599  -2.459  20.632  1.00 39.31 ? 135 SER A O   1 
ATOM   316 C CB  . SER A 1 49 ? -0.159  0.506   21.265  1.00 43.85 ? 135 SER A CB  1 
ATOM   317 O OG  . SER A 1 49 ? -0.233  1.564   22.200  1.00 48.35 ? 135 SER A OG  1 
ATOM   318 N N   . ARG A 1 50 ? -1.874  -1.423  19.108  1.00 34.60 ? 136 ARG A N   1 
ATOM   319 C CA  . ARG A 1 50 ? -1.673  -2.478  18.122  1.00 31.74 ? 136 ARG A CA  1 
ATOM   320 C C   . ARG A 1 50 ? -0.990  -1.938  16.866  1.00 45.31 ? 136 ARG A C   1 
ATOM   321 O O   . ARG A 1 50 ? -1.220  -0.800  16.457  1.00 34.20 ? 136 ARG A O   1 
ATOM   322 C CB  . ARG A 1 50 ? -2.982  -3.208  17.788  1.00 41.42 ? 136 ARG A CB  1 
ATOM   323 C CG  . ARG A 1 50 ? -4.090  -2.348  17.198  1.00 47.74 ? 136 ARG A CG  1 
ATOM   324 C CD  . ARG A 1 50 ? -5.389  -3.154  17.034  1.00 53.66 ? 136 ARG A CD  1 
ATOM   325 N NE  . ARG A 1 50 ? -5.369  -4.041  15.870  1.00 54.54 ? 136 ARG A NE  1 
ATOM   326 C CZ  . ARG A 1 50 ? -6.374  -4.844  15.525  1.00 56.97 ? 136 ARG A CZ  1 
ATOM   327 N NH1 . ARG A 1 50 ? -7.481  -4.877  16.257  1.00 62.90 ? 136 ARG A NH1 1 
ATOM   328 N NH2 . ARG A 1 50 ? -6.281  -5.616  14.448  1.00 50.11 ? 136 ARG A NH2 1 
ATOM   329 N N   A CYS A 1 51 ? -0.136  -2.760  16.268  0.50 34.54 ? 137 CYS A N   1 
ATOM   330 N N   B CYS A 1 51 ? -0.132  -2.762  16.276  0.50 34.57 ? 137 CYS A N   1 
ATOM   331 C CA  A CYS A 1 51 ? 0.623   -2.352  15.092  0.50 31.77 ? 137 CYS A CA  1 
ATOM   332 C CA  B CYS A 1 51 ? 0.629   -2.368  15.098  0.50 32.01 ? 137 CYS A CA  1 
ATOM   333 C C   A CYS A 1 51 ? 0.780   -3.509  14.116  0.50 32.46 ? 137 CYS A C   1 
ATOM   334 C C   B CYS A 1 51 ? 0.731   -3.526  14.116  0.50 32.85 ? 137 CYS A C   1 
ATOM   335 O O   A CYS A 1 51 ? 0.985   -4.652  14.525  0.50 30.83 ? 137 CYS A O   1 
ATOM   336 O O   B CYS A 1 51 ? 0.854   -4.683  14.518  0.50 30.81 ? 137 CYS A O   1 
ATOM   337 C CB  A CYS A 1 51 ? 1.998   -1.827  15.506  0.50 37.72 ? 137 CYS A CB  1 
ATOM   338 C CB  B CYS A 1 51 ? 2.035   -1.918  15.499  0.50 37.69 ? 137 CYS A CB  1 
ATOM   339 S SG  A CYS A 1 51 ? 3.028   -1.234  14.140  0.50 46.59 ? 137 CYS A SG  1 
ATOM   340 S SG  B CYS A 1 51 ? 2.093   -0.561  16.692  0.50 37.16 ? 137 CYS A SG  1 
ATOM   341 N N   . PHE A 1 52 ? 0.675   -3.210  12.826  1.00 23.80 ? 138 PHE A N   1 
ATOM   342 C CA  . PHE A 1 52 ? 0.899   -4.215  11.798  1.00 28.96 ? 138 PHE A CA  1 
ATOM   343 C C   . PHE A 1 52 ? 1.811   -3.659  10.716  1.00 27.65 ? 138 PHE A C   1 
ATOM   344 O O   . PHE A 1 52 ? 1.879   -2.446  10.512  1.00 28.41 ? 138 PHE A O   1 
ATOM   345 C CB  . PHE A 1 52 ? -0.422  -4.719  11.189  1.00 30.03 ? 138 PHE A CB  1 
ATOM   346 C CG  . PHE A 1 52 ? -0.989  -3.827  10.110  1.00 29.94 ? 138 PHE A CG  1 
ATOM   347 C CD1 . PHE A 1 52 ? -2.041  -2.968  10.387  1.00 24.88 ? 138 PHE A CD1 1 
ATOM   348 C CD2 . PHE A 1 52 ? -0.484  -3.859  8.819   1.00 27.48 ? 138 PHE A CD2 1 
ATOM   349 C CE1 . PHE A 1 52 ? -2.569  -2.151  9.403   1.00 30.86 ? 138 PHE A CE1 1 
ATOM   350 C CE2 . PHE A 1 52 ? -1.009  -3.045  7.831   1.00 28.29 ? 138 PHE A CE2 1 
ATOM   351 C CZ  . PHE A 1 52 ? -2.052  -2.190  8.124   1.00 28.23 ? 138 PHE A CZ  1 
ATOM   352 N N   . THR A 1 53 ? 2.509   -4.554  10.030  1.00 22.97 ? 139 THR A N   1 
ATOM   353 C CA  . THR A 1 53 ? 3.322   -4.190  8.877   1.00 21.99 ? 139 THR A CA  1 
ATOM   354 C C   . THR A 1 53 ? 3.151   -5.261  7.803   1.00 31.32 ? 139 THR A C   1 
ATOM   355 O O   . THR A 1 53 ? 3.275   -6.451  8.080   1.00 29.16 ? 139 THR A O   1 
ATOM   356 C CB  . THR A 1 53 ? 4.812   -4.051  9.253   1.00 33.83 ? 139 THR A CB  1 
ATOM   357 O OG1 . THR A 1 53 ? 4.976   -2.933  10.134  1.00 32.75 ? 139 THR A OG1 1 
ATOM   358 C CG2 . THR A 1 53 ? 5.666   -3.842  8.009   1.00 31.15 ? 139 THR A CG2 1 
ATOM   359 N N   . ARG A 1 54 ? 2.835   -4.839  6.587   1.00 28.07 ? 140 ARG A N   1 
ATOM   360 C CA  . ARG A 1 54 ? 2.706   -5.777  5.482   1.00 27.04 ? 140 ARG A CA  1 
ATOM   361 C C   . ARG A 1 54 ? 3.551   -5.303  4.311   1.00 29.62 ? 140 ARG A C   1 
ATOM   362 O O   . ARG A 1 54 ? 3.515   -4.129  3.955   1.00 28.41 ? 140 ARG A O   1 
ATOM   363 C CB  . ARG A 1 54 ? 1.244   -5.938  5.069   1.00 29.42 ? 140 ARG A CB  1 
ATOM   364 C CG  . ARG A 1 54 ? 1.065   -6.897  3.911   1.00 42.21 ? 140 ARG A CG  1 
ATOM   365 C CD  . ARG A 1 54 ? -0.253  -7.647  3.990   1.00 48.86 ? 140 ARG A CD  1 
ATOM   366 N NE  . ARG A 1 54 ? -0.342  -8.641  2.928   1.00 42.68 ? 140 ARG A NE  1 
ATOM   367 C CZ  . ARG A 1 54 ? -1.414  -9.391  2.691   1.00 62.51 ? 140 ARG A CZ  1 
ATOM   368 N NH1 . ARG A 1 54 ? -2.499  -9.264  3.450   1.00 56.75 ? 140 ARG A NH1 1 
ATOM   369 N NH2 . ARG A 1 54 ? -1.402  -10.268 1.695   1.00 59.55 ? 140 ARG A NH2 1 
ATOM   370 N N   . LYS A 1 55 ? 4.311   -6.220  3.721   1.00 23.99 ? 141 LYS A N   1 
ATOM   371 C CA  . LYS A 1 55 ? 5.243   -5.876  2.648   1.00 26.43 ? 141 LYS A CA  1 
ATOM   372 C C   . LYS A 1 55 ? 4.867   -6.531  1.320   1.00 33.86 ? 141 LYS A C   1 
ATOM   373 O O   . LYS A 1 55 ? 4.391   -7.669  1.289   1.00 29.28 ? 141 LYS A O   1 
ATOM   374 C CB  . LYS A 1 55 ? 6.666   -6.288  3.034   1.00 29.26 ? 141 LYS A CB  1 
ATOM   375 C CG  . LYS A 1 55 ? 7.186   -5.629  4.300   1.00 34.45 ? 141 LYS A CG  1 
ATOM   376 C CD  . LYS A 1 55 ? 8.540   -6.197  4.698   1.00 44.33 ? 141 LYS A CD  1 
ATOM   377 C CE  . LYS A 1 55 ? 9.043   -5.569  5.991   1.00 44.05 ? 141 LYS A CE  1 
ATOM   378 N NZ  . LYS A 1 55 ? 10.315  -6.198  6.440   1.00 38.48 ? 141 LYS A NZ  1 
ATOM   379 N N   . TYR A 1 56 ? 5.086   -5.801  0.228   1.00 27.30 ? 142 TYR A N   1 
ATOM   380 C CA  . TYR A 1 56 ? 4.862   -6.305  -1.126  1.00 29.15 ? 142 TYR A CA  1 
ATOM   381 C C   . TYR A 1 56 ? 6.091   -6.044  -1.981  1.00 32.56 ? 142 TYR A C   1 
ATOM   382 O O   . TYR A 1 56 ? 6.662   -4.957  -1.937  1.00 29.43 ? 142 TYR A O   1 
ATOM   383 C CB  . TYR A 1 56 ? 3.660   -5.616  -1.784  1.00 24.97 ? 142 TYR A CB  1 
ATOM   384 C CG  . TYR A 1 56 ? 2.337   -5.818  -1.076  1.00 29.68 ? 142 TYR A CG  1 
ATOM   385 C CD1 . TYR A 1 56 ? 1.900   -4.914  -0.114  1.00 29.60 ? 142 TYR A CD1 1 
ATOM   386 C CD2 . TYR A 1 56 ? 1.518   -6.904  -1.377  1.00 33.22 ? 142 TYR A CD2 1 
ATOM   387 C CE1 . TYR A 1 56 ? 0.693   -5.089  0.538   1.00 31.34 ? 142 TYR A CE1 1 
ATOM   388 C CE2 . TYR A 1 56 ? 0.304   -7.085  -0.731  1.00 36.31 ? 142 TYR A CE2 1 
ATOM   389 C CZ  . TYR A 1 56 ? -0.101  -6.174  0.223   1.00 31.90 ? 142 TYR A CZ  1 
ATOM   390 O OH  . TYR A 1 56 ? -1.302  -6.338  0.876   1.00 40.43 ? 142 TYR A OH  1 
ATOM   391 N N   . THR A 1 57 ? 6.498   -7.038  -2.765  1.00 31.22 ? 143 THR A N   1 
ATOM   392 C CA  . THR A 1 57 ? 7.587   -6.850  -3.714  1.00 30.84 ? 143 THR A CA  1 
ATOM   393 C C   . THR A 1 57 ? 7.060   -6.279  -5.029  1.00 31.51 ? 143 THR A C   1 
ATOM   394 O O   . THR A 1 57 ? 6.170   -6.852  -5.652  1.00 38.61 ? 143 THR A O   1 
ATOM   395 C CB  . THR A 1 57 ? 8.321   -8.175  -4.007  1.00 44.40 ? 143 THR A CB  1 
ATOM   396 O OG1 . THR A 1 57 ? 8.834   -8.718  -2.785  1.00 49.46 ? 143 THR A OG1 1 
ATOM   397 C CG2 . THR A 1 57 ? 9.473   -7.934  -4.971  1.00 36.09 ? 143 THR A CG2 1 
ATOM   398 N N   . LEU A 1 58 ? 7.611   -5.147  -5.450  1.00 34.19 ? 144 LEU A N   1 
ATOM   399 C CA  . LEU A 1 58 ? 7.192   -4.533  -6.703  1.00 30.14 ? 144 LEU A CA  1 
ATOM   400 C C   . LEU A 1 58 ? 7.734   -5.306  -7.893  1.00 36.90 ? 144 LEU A C   1 
ATOM   401 O O   . LEU A 1 58 ? 8.779   -5.949  -7.795  1.00 35.60 ? 144 LEU A O   1 
ATOM   402 C CB  . LEU A 1 58 ? 7.674   -3.086  -6.783  1.00 27.72 ? 144 LEU A CB  1 
ATOM   403 C CG  . LEU A 1 58 ? 6.950   -2.053  -5.927  1.00 33.92 ? 144 LEU A CG  1 
ATOM   404 C CD1 . LEU A 1 58 ? 7.695   -0.733  -5.966  1.00 30.58 ? 144 LEU A CD1 1 
ATOM   405 C CD2 . LEU A 1 58 ? 5.517   -1.878  -6.410  1.00 28.84 ? 144 LEU A CD2 1 
ATOM   406 N N   . PRO A 1 59 ? 7.019   -5.247  -9.025  1.00 34.40 ? 145 PRO A N   1 
ATOM   407 C CA  . PRO A 1 59 ? 7.559   -5.776  -10.280 1.00 32.88 ? 145 PRO A CA  1 
ATOM   408 C C   . PRO A 1 59 ? 8.782   -4.954  -10.662 1.00 32.54 ? 145 PRO A C   1 
ATOM   409 O O   . PRO A 1 59 ? 8.861   -3.787  -10.281 1.00 35.46 ? 145 PRO A O   1 
ATOM   410 C CB  . PRO A 1 59 ? 6.430   -5.523  -11.285 1.00 32.65 ? 145 PRO A CB  1 
ATOM   411 C CG  . PRO A 1 59 ? 5.201   -5.277  -10.456 1.00 29.52 ? 145 PRO A CG  1 
ATOM   412 C CD  . PRO A 1 59 ? 5.684   -4.651  -9.199  1.00 28.19 ? 145 PRO A CD  1 
ATOM   413 N N   . PRO A 1 60 ? 9.734   -5.549  -11.395 1.00 35.63 ? 146 PRO A N   1 
ATOM   414 C CA  . PRO A 1 60 ? 10.937  -4.811  -11.789 1.00 39.39 ? 146 PRO A CA  1 
ATOM   415 C C   . PRO A 1 60 ? 10.608  -3.574  -12.629 1.00 34.88 ? 146 PRO A C   1 
ATOM   416 O O   . PRO A 1 60 ? 9.729   -3.623  -13.492 1.00 36.34 ? 146 PRO A O   1 
ATOM   417 C CB  . PRO A 1 60 ? 11.713  -5.839  -12.632 1.00 36.26 ? 146 PRO A CB  1 
ATOM   418 C CG  . PRO A 1 60 ? 10.681  -6.869  -13.023 1.00 39.10 ? 146 PRO A CG  1 
ATOM   419 C CD  . PRO A 1 60 ? 9.812   -6.958  -11.813 1.00 39.43 ? 146 PRO A CD  1 
ATOM   420 N N   . GLY A 1 61 ? 11.304  -2.473  -12.368 1.00 33.84 ? 147 GLY A N   1 
ATOM   421 C CA  . GLY A 1 61 ? 11.188  -1.296  -13.206 1.00 38.68 ? 147 GLY A CA  1 
ATOM   422 C C   . GLY A 1 61 ? 10.267  -0.201  -12.702 1.00 40.29 ? 147 GLY A C   1 
ATOM   423 O O   . GLY A 1 61 ? 10.247  0.890   -13.263 1.00 35.97 ? 147 GLY A O   1 
ATOM   424 N N   . VAL A 1 62 ? 9.504   -0.478  -11.651 1.00 31.16 ? 148 VAL A N   1 
ATOM   425 C CA  . VAL A 1 62 ? 8.534   0.493   -11.153 1.00 27.45 ? 148 VAL A CA  1 
ATOM   426 C C   . VAL A 1 62 ? 9.210   1.699   -10.501 1.00 30.57 ? 148 VAL A C   1 
ATOM   427 O O   . VAL A 1 62 ? 10.130  1.548   -9.702  1.00 32.80 ? 148 VAL A O   1 
ATOM   428 C CB  . VAL A 1 62 ? 7.551   -0.157  -10.165 1.00 30.72 ? 148 VAL A CB  1 
ATOM   429 C CG1 . VAL A 1 62 ? 6.631   0.892   -9.551  1.00 24.57 ? 148 VAL A CG1 1 
ATOM   430 C CG2 . VAL A 1 62 ? 6.745   -1.238  -10.870 1.00 27.75 ? 148 VAL A CG2 1 
ATOM   431 N N   . ASP A 1 63 ? 8.743   2.892   -10.860 1.00 32.87 ? 149 ASP A N   1 
ATOM   432 C CA  . ASP A 1 63 ? 9.268   4.150   -10.335 1.00 27.18 ? 149 ASP A CA  1 
ATOM   433 C C   . ASP A 1 63 ? 8.679   4.442   -8.955  1.00 31.99 ? 149 ASP A C   1 
ATOM   434 O O   . ASP A 1 63 ? 7.477   4.675   -8.827  1.00 27.20 ? 149 ASP A O   1 
ATOM   435 C CB  . ASP A 1 63 ? 8.950   5.287   -11.314 1.00 27.75 ? 149 ASP A CB  1 
ATOM   436 C CG  . ASP A 1 63 ? 9.385   6.652   -10.802 1.00 39.91 ? 149 ASP A CG  1 
ATOM   437 O OD1 . ASP A 1 63 ? 9.851   6.755   -9.650  1.00 41.08 ? 149 ASP A OD1 1 
ATOM   438 O OD2 . ASP A 1 63 ? 9.252   7.633   -11.564 1.00 35.34 ? 149 ASP A OD2 1 
ATOM   439 N N   . PRO A 1 64 ? 9.529   4.434   -7.915  1.00 29.29 ? 150 PRO A N   1 
ATOM   440 C CA  . PRO A 1 64 ? 9.091   4.594   -6.523  1.00 30.98 ? 150 PRO A CA  1 
ATOM   441 C C   . PRO A 1 64 ? 8.283   5.867   -6.280  1.00 26.43 ? 150 PRO A C   1 
ATOM   442 O O   . PRO A 1 64 ? 7.490   5.903   -5.339  1.00 28.84 ? 150 PRO A O   1 
ATOM   443 C CB  . PRO A 1 64 ? 10.409  4.654   -5.744  1.00 34.42 ? 150 PRO A CB  1 
ATOM   444 C CG  . PRO A 1 64 ? 11.392  3.950   -6.608  1.00 35.82 ? 150 PRO A CG  1 
ATOM   445 C CD  . PRO A 1 64 ? 10.989  4.256   -8.017  1.00 31.32 ? 150 PRO A CD  1 
ATOM   446 N N   . THR A 1 65 ? 8.477   6.893   -7.106  1.00 25.14 ? 151 THR A N   1 
ATOM   447 C CA  . THR A 1 65 ? 7.761   8.152   -6.918  1.00 29.81 ? 151 THR A CA  1 
ATOM   448 C C   . THR A 1 65 ? 6.313   8.070   -7.407  1.00 30.15 ? 151 THR A C   1 
ATOM   449 O O   . THR A 1 65 ? 5.507   8.961   -7.123  1.00 27.79 ? 151 THR A O   1 
ATOM   450 C CB  . THR A 1 65 ? 8.457   9.339   -7.622  1.00 28.67 ? 151 THR A CB  1 
ATOM   451 O OG1 . THR A 1 65 ? 8.483   9.123   -9.040  1.00 31.73 ? 151 THR A OG1 1 
ATOM   452 C CG2 . THR A 1 65 ? 9.882   9.515   -7.110  1.00 28.48 ? 151 THR A CG2 1 
ATOM   453 N N   . GLN A 1 66 ? 5.986   7.003   -8.129  1.00 26.24 ? 152 GLN A N   1 
ATOM   454 C CA  . GLN A 1 66 ? 4.664   6.882   -8.748  1.00 27.91 ? 152 GLN A CA  1 
ATOM   455 C C   . GLN A 1 66 ? 3.729   5.890   -8.042  1.00 34.07 ? 152 GLN A C   1 
ATOM   456 O O   . GLN A 1 66 ? 2.650   5.587   -8.550  1.00 32.70 ? 152 GLN A O   1 
ATOM   457 C CB  . GLN A 1 66 ? 4.796   6.514   -10.232 1.00 28.01 ? 152 GLN A CB  1 
ATOM   458 C CG  . GLN A 1 66 ? 5.609   7.516   -11.050 1.00 32.70 ? 152 GLN A CG  1 
ATOM   459 C CD  . GLN A 1 66 ? 4.983   8.899   -11.081 1.00 36.88 ? 152 GLN A CD  1 
ATOM   460 O OE1 . GLN A 1 66 ? 3.762   9.040   -11.170 1.00 37.28 ? 152 GLN A OE1 1 
ATOM   461 N NE2 . GLN A 1 66 ? 5.818   9.929   -11.010 1.00 40.57 ? 152 GLN A NE2 1 
ATOM   462 N N   . VAL A 1 67 ? 4.139   5.387   -6.879  1.00 27.01 ? 153 VAL A N   1 
ATOM   463 C CA  . VAL A 1 67 ? 3.262   4.547   -6.067  1.00 23.18 ? 153 VAL A CA  1 
ATOM   464 C C   . VAL A 1 67 ? 2.260   5.413   -5.305  1.00 30.25 ? 153 VAL A C   1 
ATOM   465 O O   . VAL A 1 67 ? 2.651   6.300   -4.551  1.00 32.48 ? 153 VAL A O   1 
ATOM   466 C CB  . VAL A 1 67 ? 4.063   3.678   -5.065  1.00 30.45 ? 153 VAL A CB  1 
ATOM   467 C CG1 . VAL A 1 67 ? 3.120   2.956   -4.104  1.00 30.39 ? 153 VAL A CG1 1 
ATOM   468 C CG2 . VAL A 1 67 ? 4.930   2.680   -5.800  1.00 29.44 ? 153 VAL A CG2 1 
ATOM   469 N N   . SER A 1 68 ? 0.970   5.165   -5.511  1.00 36.44 ? 154 SER A N   1 
ATOM   470 C CA  . SER A 1 68 ? -0.067  5.923   -4.814  1.00 35.16 ? 154 SER A CA  1 
ATOM   471 C C   . SER A 1 68 ? -1.034  5.005   -4.069  1.00 33.82 ? 154 SER A C   1 
ATOM   472 O O   . SER A 1 68 ? -1.040  3.792   -4.281  1.00 33.75 ? 154 SER A O   1 
ATOM   473 C CB  . SER A 1 68 ? -0.833  6.825   -5.789  1.00 42.42 ? 154 SER A CB  1 
ATOM   474 O OG  . SER A 1 68 ? -1.475  6.061   -6.798  1.00 35.98 ? 154 SER A OG  1 
ATOM   475 N N   . SER A 1 69 ? -1.850  5.589   -3.197  1.00 32.12 ? 155 SER A N   1 
ATOM   476 C CA  . SER A 1 69 ? -2.810  4.812   -2.423  1.00 34.47 ? 155 SER A CA  1 
ATOM   477 C C   . SER A 1 69 ? -4.071  5.610   -2.107  1.00 42.56 ? 155 SER A C   1 
ATOM   478 O O   . SER A 1 69 ? -4.048  6.840   -2.070  1.00 43.71 ? 155 SER A O   1 
ATOM   479 C CB  . SER A 1 69 ? -2.178  4.344   -1.114  1.00 45.51 ? 155 SER A CB  1 
ATOM   480 O OG  . SER A 1 69 ? -2.270  5.361   -0.129  1.00 46.34 ? 155 SER A OG  1 
ATOM   481 N N   . SER A 1 70 ? -5.168  4.896   -1.878  1.00 35.32 ? 156 SER A N   1 
ATOM   482 C CA  . SER A 1 70 ? -6.426  5.514   -1.462  1.00 41.93 ? 156 SER A CA  1 
ATOM   483 C C   . SER A 1 70 ? -7.173  4.628   -0.476  1.00 39.80 ? 156 SER A C   1 
ATOM   484 O O   . SER A 1 70 ? -7.142  3.403   -0.582  1.00 38.23 ? 156 SER A O   1 
ATOM   485 C CB  . SER A 1 70 ? -7.323  5.805   -2.669  1.00 47.20 ? 156 SER A CB  1 
ATOM   486 O OG  . SER A 1 70 ? -7.047  7.083   -3.215  1.00 73.42 ? 156 SER A OG  1 
ATOM   487 N N   . LEU A 1 71 ? -7.847  5.256   0.483   1.00 44.04 ? 157 LEU A N   1 
ATOM   488 C CA  . LEU A 1 71 ? -8.618  4.527   1.483   1.00 40.09 ? 157 LEU A CA  1 
ATOM   489 C C   . LEU A 1 71 ? -10.113 4.775   1.306   1.00 46.52 ? 157 LEU A C   1 
ATOM   490 O O   . LEU A 1 71 ? -10.570 5.916   1.368   1.00 52.49 ? 157 LEU A O   1 
ATOM   491 C CB  . LEU A 1 71 ? -8.184  4.933   2.892   1.00 36.41 ? 157 LEU A CB  1 
ATOM   492 C CG  . LEU A 1 71 ? -8.890  4.190   4.030   1.00 50.31 ? 157 LEU A CG  1 
ATOM   493 C CD1 . LEU A 1 71 ? -8.689  2.682   3.901   1.00 39.55 ? 157 LEU A CD1 1 
ATOM   494 C CD2 . LEU A 1 71 ? -8.405  4.689   5.384   1.00 50.97 ? 157 LEU A CD2 1 
ATOM   495 N N   . SER A 1 72 ? -10.869 3.705   1.085   1.00 49.66 ? 158 SER A N   1 
ATOM   496 C CA  . SER A 1 72 ? -12.312 3.815   0.901   1.00 46.54 ? 158 SER A CA  1 
ATOM   497 C C   . SER A 1 72 ? -13.020 3.911   2.247   1.00 51.01 ? 158 SER A C   1 
ATOM   498 O O   . SER A 1 72 ? -12.484 3.474   3.267   1.00 49.21 ? 158 SER A O   1 
ATOM   499 C CB  . SER A 1 72 ? -12.850 2.620   0.110   1.00 44.90 ? 158 SER A CB  1 
ATOM   500 O OG  . SER A 1 72 ? -13.036 1.488   0.944   1.00 47.96 ? 158 SER A OG  1 
ATOM   501 N N   . PRO A 1 73 ? -14.231 4.487   2.256   1.00 63.96 ? 159 PRO A N   1 
ATOM   502 C CA  . PRO A 1 73 ? -15.032 4.624   3.478   1.00 46.24 ? 159 PRO A CA  1 
ATOM   503 C C   . PRO A 1 73 ? -15.316 3.285   4.160   1.00 44.67 ? 159 PRO A C   1 
ATOM   504 O O   . PRO A 1 73 ? -15.568 3.257   5.367   1.00 52.70 ? 159 PRO A O   1 
ATOM   505 C CB  . PRO A 1 73 ? -16.333 5.250   2.969   1.00 62.76 ? 159 PRO A CB  1 
ATOM   506 C CG  . PRO A 1 73 ? -15.940 5.979   1.735   1.00 63.41 ? 159 PRO A CG  1 
ATOM   507 C CD  . PRO A 1 73 ? -14.879 5.130   1.100   1.00 64.85 ? 159 PRO A CD  1 
ATOM   508 N N   . GLU A 1 74 ? -15.272 2.192   3.403   1.00 49.78 ? 160 GLU A N   1 
ATOM   509 C CA  . GLU A 1 74 ? -15.504 0.864   3.966   1.00 45.96 ? 160 GLU A CA  1 
ATOM   510 C C   . GLU A 1 74 ? -14.263 0.307   4.663   1.00 47.09 ? 160 GLU A C   1 
ATOM   511 O O   . GLU A 1 74 ? -14.326 -0.730  5.324   1.00 49.80 ? 160 GLU A O   1 
ATOM   512 C CB  . GLU A 1 74 ? -15.979 -0.115  2.891   1.00 69.15 ? 160 GLU A CB  1 
ATOM   513 C CG  . GLU A 1 74 ? -17.356 0.199   2.326   1.00 72.47 ? 160 GLU A CG  1 
ATOM   514 C CD  . GLU A 1 74 ? -17.332 1.345   1.332   1.00 76.28 ? 160 GLU A CD  1 
ATOM   515 O OE1 . GLU A 1 74 ? -16.495 1.314   0.404   1.00 71.12 ? 160 GLU A OE1 1 
ATOM   516 O OE2 . GLU A 1 74 ? -18.155 2.273   1.477   1.00 83.00 ? 160 GLU A OE2 1 
ATOM   517 N N   . GLY A 1 75 ? -13.137 0.992   4.508   1.00 51.33 ? 161 GLY A N   1 
ATOM   518 C CA  . GLY A 1 75 ? -11.911 0.595   5.177   1.00 45.72 ? 161 GLY A CA  1 
ATOM   519 C C   . GLY A 1 75 ? -11.015 -0.296  4.338   1.00 33.04 ? 161 GLY A C   1 
ATOM   520 O O   . GLY A 1 75 ? -10.247 -1.092  4.878   1.00 39.61 ? 161 GLY A O   1 
ATOM   521 N N   . THR A 1 76 ? -11.112 -0.169  3.019   1.00 36.62 ? 162 THR A N   1 
ATOM   522 C CA  . THR A 1 76 ? -10.218 -0.893  2.116   1.00 35.51 ? 162 THR A CA  1 
ATOM   523 C C   . THR A 1 76 ? -9.159  0.040   1.524   1.00 46.62 ? 162 THR A C   1 
ATOM   524 O O   . THR A 1 76 ? -9.483  1.065   0.923   1.00 40.43 ? 162 THR A O   1 
ATOM   525 C CB  . THR A 1 76 ? -10.991 -1.603  0.983   1.00 47.69 ? 162 THR A CB  1 
ATOM   526 O OG1 . THR A 1 76 ? -11.722 -2.712  1.524   1.00 46.10 ? 162 THR A OG1 1 
ATOM   527 C CG2 . THR A 1 76 ? -10.033 -2.118  -0.084  1.00 36.39 ? 162 THR A CG2 1 
ATOM   528 N N   . LEU A 1 77 ? -7.894  -0.318  1.710   1.00 37.33 ? 163 LEU A N   1 
ATOM   529 C CA  . LEU A 1 77 ? -6.787  0.485   1.204   1.00 30.56 ? 163 LEU A CA  1 
ATOM   530 C C   . LEU A 1 77 ? -6.261  -0.087  -0.105  1.00 34.28 ? 163 LEU A C   1 
ATOM   531 O O   . LEU A 1 77 ? -5.823  -1.234  -0.153  1.00 30.49 ? 163 LEU A O   1 
ATOM   532 C CB  . LEU A 1 77 ? -5.652  0.546   2.234   1.00 28.31 ? 163 LEU A CB  1 
ATOM   533 C CG  . LEU A 1 77 ? -4.363  1.259   1.798   1.00 31.33 ? 163 LEU A CG  1 
ATOM   534 C CD1 . LEU A 1 77 ? -4.564  2.764   1.722   1.00 33.12 ? 163 LEU A CD1 1 
ATOM   535 C CD2 . LEU A 1 77 ? -3.217  0.924   2.736   1.00 28.19 ? 163 LEU A CD2 1 
ATOM   536 N N   . THR A 1 78 ? -6.313  0.712   -1.168  1.00 28.19 ? 164 THR A N   1 
ATOM   537 C CA  . THR A 1 78 ? -5.778  0.293   -2.460  1.00 31.58 ? 164 THR A CA  1 
ATOM   538 C C   . THR A 1 78 ? -4.455  1.001   -2.750  1.00 29.71 ? 164 THR A C   1 
ATOM   539 O O   . THR A 1 78 ? -4.368  2.225   -2.661  1.00 36.45 ? 164 THR A O   1 
ATOM   540 C CB  . THR A 1 78 ? -6.759  0.596   -3.609  1.00 34.14 ? 164 THR A CB  1 
ATOM   541 O OG1 . THR A 1 78 ? -7.995  -0.093  -3.386  1.00 33.50 ? 164 THR A OG1 1 
ATOM   542 C CG2 . THR A 1 78 ? -6.168  0.150   -4.937  1.00 35.06 ? 164 THR A CG2 1 
ATOM   543 N N   . VAL A 1 79 ? -3.431  0.224   -3.092  1.00 30.20 ? 165 VAL A N   1 
ATOM   544 C CA  . VAL A 1 79 ? -2.118  0.764   -3.431  1.00 28.77 ? 165 VAL A CA  1 
ATOM   545 C C   . VAL A 1 79 ? -1.770  0.331   -4.854  1.00 30.58 ? 165 VAL A C   1 
ATOM   546 O O   . VAL A 1 79 ? -2.001  -0.818  -5.222  1.00 28.11 ? 165 VAL A O   1 
ATOM   547 C CB  . VAL A 1 79 ? -1.037  0.264   -2.441  1.00 27.97 ? 165 VAL A CB  1 
ATOM   548 C CG1 . VAL A 1 79 ? 0.270   1.028   -2.627  1.00 23.50 ? 165 VAL A CG1 1 
ATOM   549 C CG2 . VAL A 1 79 ? -1.531  0.391   -1.012  1.00 27.38 ? 165 VAL A CG2 1 
ATOM   550 N N   . GLU A 1 80 ? -1.229  1.243   -5.659  1.00 28.87 ? 166 GLU A N   1 
ATOM   551 C CA  . GLU A 1 80 ? -0.994  0.946   -7.074  1.00 23.99 ? 166 GLU A CA  1 
ATOM   552 C C   . GLU A 1 80 ? 0.127   1.780   -7.711  1.00 29.00 ? 166 GLU A C   1 
ATOM   553 O O   . GLU A 1 80 ? 0.581   2.776   -7.139  1.00 32.05 ? 166 GLU A O   1 
ATOM   554 C CB  . GLU A 1 80 ? -2.292  1.147   -7.863  1.00 28.01 ? 166 GLU A CB  1 
ATOM   555 C CG  . GLU A 1 80 ? -2.795  2.574   -7.840  1.00 33.11 ? 166 GLU A CG  1 
ATOM   556 C CD  . GLU A 1 80 ? -4.195  2.711   -8.398  1.00 47.09 ? 166 GLU A CD  1 
ATOM   557 O OE1 . GLU A 1 80 ? -4.784  1.682   -8.790  1.00 46.47 ? 166 GLU A OE1 1 
ATOM   558 O OE2 . GLU A 1 80 ? -4.709  3.847   -8.437  1.00 57.52 ? 166 GLU A OE2 1 
ATOM   559 N N   . ALA A 1 81 ? 0.553   1.373   -8.905  1.00 24.36 ? 167 ALA A N   1 
ATOM   560 C CA  . ALA A 1 81 ? 1.621   2.069   -9.624  1.00 28.91 ? 167 ALA A CA  1 
ATOM   561 C C   . ALA A 1 81 ? 1.681   1.684   -11.099 1.00 31.37 ? 167 ALA A C   1 
ATOM   562 O O   . ALA A 1 81 ? 1.417   0.537   -11.454 1.00 30.00 ? 167 ALA A O   1 
ATOM   563 C CB  . ALA A 1 81 ? 2.966   1.789   -8.965  1.00 26.66 ? 167 ALA A CB  1 
ATOM   564 N N   . PRO A 1 82 ? 2.052   2.642   -11.965 1.00 31.46 ? 168 PRO A N   1 
ATOM   565 C CA  . PRO A 1 82 ? 2.233   2.366   -13.394 1.00 32.13 ? 168 PRO A CA  1 
ATOM   566 C C   . PRO A 1 82 ? 3.315   1.316   -13.615 1.00 31.70 ? 168 PRO A C   1 
ATOM   567 O O   . PRO A 1 82 ? 4.349   1.372   -12.950 1.00 33.17 ? 168 PRO A O   1 
ATOM   568 C CB  . PRO A 1 82 ? 2.710   3.710   -13.958 1.00 34.40 ? 168 PRO A CB  1 
ATOM   569 C CG  . PRO A 1 82 ? 2.327   4.727   -12.944 1.00 40.00 ? 168 PRO A CG  1 
ATOM   570 C CD  . PRO A 1 82 ? 2.369   4.037   -11.622 1.00 30.27 ? 168 PRO A CD  1 
ATOM   571 N N   . MET A 1 83 ? 3.076   0.378   -14.527 1.00 36.23 ? 169 MET A N   1 
ATOM   572 C CA  . MET A 1 83 ? 4.089   -0.602  -14.903 1.00 41.15 ? 169 MET A CA  1 
ATOM   573 C C   . MET A 1 83 ? 4.986   0.007   -15.974 1.00 47.51 ? 169 MET A C   1 
ATOM   574 O O   . MET A 1 83 ? 4.505   0.714   -16.862 1.00 50.18 ? 169 MET A O   1 
ATOM   575 C CB  . MET A 1 83 ? 3.440   -1.887  -15.430 1.00 46.80 ? 169 MET A CB  1 
ATOM   576 C CG  . MET A 1 83 ? 2.510   -2.586  -14.446 1.00 54.12 ? 169 MET A CG  1 
ATOM   577 S SD  . MET A 1 83 ? 3.331   -3.702  -13.291 1.00 43.44 ? 169 MET A SD  1 
ATOM   578 C CE  . MET A 1 83 ? 3.799   -5.052  -14.372 1.00 31.39 ? 169 MET A CE  1 
ATOM   579 N N   . PRO A 1 84 ? 6.296   -0.261  -15.891 1.00 48.03 ? 170 PRO A N   1 
ATOM   580 C CA  . PRO A 1 84 ? 7.286   0.305   -16.812 1.00 53.80 ? 170 PRO A CA  1 
ATOM   581 C C   . PRO A 1 84 ? 6.941   0.039   -18.274 1.00 57.02 ? 170 PRO A C   1 
ATOM   582 O O   . PRO A 1 84 ? 6.857   0.978   -19.066 1.00 65.20 ? 170 PRO A O   1 
ATOM   583 C CB  . PRO A 1 84 ? 8.574   -0.443  -16.433 1.00 53.54 ? 170 PRO A CB  1 
ATOM   584 C CG  . PRO A 1 84 ? 8.092   -1.671  -15.692 1.00 45.00 ? 170 PRO A CG  1 
ATOM   585 C CD  . PRO A 1 84 ? 6.938   -1.147  -14.910 1.00 46.00 ? 170 PRO A CD  1 
ATOM   586 N N   . LYS A 1 85 ? 6.741   -1.229  -18.618 1.00 53.53 ? 171 LYS A N   1 
ATOM   587 C CA  . LYS A 1 85 ? 6.462   -1.623  -19.997 1.00 79.61 ? 171 LYS A CA  1 
ATOM   588 C C   . LYS A 1 85 ? 6.248   -3.130  -20.108 1.00 88.36 ? 171 LYS A C   1 
ATOM   589 O O   . LYS A 1 85 ? 5.666   -3.614  -21.080 1.00 91.00 ? 171 LYS A O   1 
ATOM   590 C CB  . LYS A 1 85 ? 7.610   -1.192  -20.913 1.00 71.38 ? 171 LYS A CB  1 
ATOM   591 C CG  . LYS A 1 85 ? 8.970   -1.723  -20.489 1.00 57.72 ? 171 LYS A CG  1 
ATOM   592 C CD  . LYS A 1 85 ? 10.093  -0.908  -21.100 1.00 64.17 ? 171 LYS A CD  1 
ATOM   593 C CE  . LYS A 1 85 ? 9.992   -0.884  -22.615 1.00 76.57 ? 171 LYS A CE  1 
ATOM   594 N NZ  . LYS A 1 85 ? 11.127  -0.143  -23.232 1.00 76.16 ? 171 LYS A NZ  1 
HETATM 595 O O   . HOH B 2 .  ? 10.774  -2.574  -8.668  1.00 38.82 ? 1   HOH A O   1 
HETATM 596 O O   . HOH B 2 .  ? 7.927   7.571   -13.947 1.00 40.84 ? 2   HOH A O   1 
HETATM 597 O O   . HOH B 2 .  ? 11.297  -5.547  -6.367  1.00 37.60 ? 3   HOH A O   1 
HETATM 598 O O   . HOH B 2 .  ? 5.182   1.860   6.136   1.00 36.22 ? 4   HOH A O   1 
HETATM 599 O O   . HOH B 2 .  ? 6.439   3.186   -12.618 1.00 32.03 ? 5   HOH A O   1 
HETATM 600 O O   . HOH B 2 .  ? 4.941   5.149   -1.411  1.00 32.24 ? 6   HOH A O   1 
HETATM 601 O O   . HOH B 2 .  ? 2.083   5.908   -1.664  1.00 32.53 ? 7   HOH A O   1 
HETATM 602 O O   . HOH B 2 .  ? -4.543  -7.483  -3.381  1.00 44.91 ? 8   HOH A O   1 
HETATM 603 O O   . HOH B 2 .  ? 0.033   5.899   -9.156  1.00 34.26 ? 9   HOH A O   1 
HETATM 604 O O   . HOH B 2 .  ? -1.298  3.938   -10.881 1.00 36.21 ? 10  HOH A O   1 
HETATM 605 O O   . HOH B 2 .  ? -8.061  -4.787  9.590   1.00 36.44 ? 11  HOH A O   1 
HETATM 606 O O   . HOH B 2 .  ? -9.943  1.016   -1.788  1.00 41.99 ? 12  HOH A O   1 
HETATM 607 O O   . HOH B 2 .  ? 5.395   6.965   -3.717  1.00 26.59 ? 13  HOH A O   1 
HETATM 608 O O   . HOH B 2 .  ? 1.589   1.789   -17.421 1.00 57.43 ? 14  HOH A O   1 
HETATM 609 O O   . HOH B 2 .  ? -13.352 -3.194  3.967   1.00 52.53 ? 15  HOH A O   1 
HETATM 610 O O   . HOH B 2 .  ? 1.342   -9.360  1.147   1.00 50.99 ? 16  HOH A O   1 
HETATM 611 O O   . HOH B 2 .  ? 11.095  -0.085  -7.832  1.00 36.60 ? 17  HOH A O   1 
HETATM 612 O O   . HOH B 2 .  ? 16.304  2.906   -5.437  1.00 31.07 ? 18  HOH A O   1 
HETATM 613 O O   . HOH B 2 .  ? 12.005  1.001   -5.174  1.00 46.77 ? 19  HOH A O   1 
HETATM 614 O O   . HOH B 2 .  ? -3.683  -3.051  -26.628 1.00 46.93 ? 20  HOH A O   1 
HETATM 615 O O   . HOH B 2 .  ? 14.061  2.639   -4.363  1.00 42.35 ? 21  HOH A O   1 
HETATM 616 O O   . HOH B 2 .  ? 3.479   -7.491  -5.365  1.00 30.05 ? 22  HOH A O   1 
HETATM 617 O O   . HOH B 2 .  ? 4.434   -3.559  12.814  1.00 41.17 ? 23  HOH A O   1 
HETATM 618 O O   . HOH B 2 .  ? -0.988  2.967   -15.974 1.00 50.27 ? 24  HOH A O   1 
HETATM 619 O O   . HOH B 2 .  ? -3.962  4.640   -11.001 1.00 49.23 ? 26  HOH A O   1 
HETATM 620 O O   . HOH B 2 .  ? -9.773  1.484   -12.060 1.00 57.68 ? 27  HOH A O   1 
HETATM 621 O O   . HOH B 2 .  ? 6.475   1.936   -21.459 1.00 63.14 ? 28  HOH A O   1 
HETATM 622 O O   . HOH B 2 .  ? 10.843  -3.237  3.398   1.00 40.92 ? 29  HOH A O   1 
HETATM 623 O O   . HOH B 2 .  ? 12.042  -5.603  2.876   1.00 57.89 ? 30  HOH A O   1 
HETATM 624 O O   . HOH B 2 .  ? -9.020  3.745   -11.262 1.00 61.42 ? 31  HOH A O   1 
HETATM 625 O O   . HOH B 2 .  ? -1.154  4.437   -13.618 1.00 44.63 ? 32  HOH A O   1 
HETATM 626 O O   . HOH B 2 .  ? -4.100  -6.268  -9.252  1.00 45.73 ? 33  HOH A O   1 
HETATM 627 O O   . HOH B 2 .  ? -8.200  -4.638  25.818  1.00 51.16 ? 34  HOH A O   1 
HETATM 628 O O   . HOH B 2 .  ? -7.439  -2.423  24.773  1.00 42.08 ? 35  HOH A O   1 
HETATM 629 O O   . HOH B 2 .  ? 7.592   -1.859  10.574  1.00 44.82 ? 36  HOH A O   1 
HETATM 630 O O   . HOH B 2 .  ? 8.254   -7.972  0.172   1.00 45.24 ? 37  HOH A O   1 
HETATM 631 O O   . HOH B 2 .  ? 10.582  -7.857  1.489   1.00 44.56 ? 39  HOH A O   1 
HETATM 632 O O   . HOH B 2 .  ? -3.269  3.348   29.622  1.00 52.69 ? 40  HOH A O   1 
HETATM 633 O O   . HOH B 2 .  ? -6.638  1.070   24.639  1.00 54.44 ? 41  HOH A O   1 
HETATM 634 O O   . HOH B 2 .  ? -11.345 -5.492  8.384   1.00 53.58 ? 42  HOH A O   1 
HETATM 635 O O   . HOH B 2 .  ? -9.917  3.656   -2.889  1.00 54.64 ? 43  HOH A O   1 
HETATM 636 O O   . HOH B 2 .  ? -7.956  2.727   26.176  1.00 52.98 ? 44  HOH A O   1 
HETATM 637 O O   . HOH B 2 .  ? -4.449  1.926   31.848  1.00 55.80 ? 45  HOH A O   1 
HETATM 638 O O   . HOH B 2 .  ? -0.058  6.427   -0.406  1.00 42.78 ? 46  HOH A O   1 
HETATM 639 O O   . HOH B 2 .  ? -12.233 -0.461  -2.722  1.00 48.69 ? 47  HOH A O   1 
HETATM 640 O O   . HOH B 2 .  ? -7.665  -5.808  18.652  1.00 40.44 ? 48  HOH A O   1 
HETATM 641 O O   . HOH B 2 .  ? 15.672  2.324   -7.792  1.00 58.07 ? 49  HOH A O   1 
HETATM 642 O O   . HOH B 2 .  ? 0.849   4.296   -17.868 1.00 57.02 ? 50  HOH A O   1 
HETATM 643 O O   . HOH B 2 .  ? 6.716   -9.983  0.886   1.00 51.19 ? 51  HOH A O   1 
HETATM 644 O O   . HOH B 2 .  ? -6.577  8.244   19.236  1.00 45.09 ? 52  HOH A O   1 
HETATM 645 O O   . HOH B 2 .  ? -5.509  3.677   -5.128  1.00 42.71 ? 53  HOH A O   1 
HETATM 646 O O   . HOH B 2 .  ? 2.362   1.876   18.598  1.00 55.22 ? 54  HOH A O   1 
HETATM 647 O O   . HOH B 2 .  ? 1.868   6.113   -16.545 1.00 59.49 ? 55  HOH A O   1 
HETATM 648 O O   . HOH B 2 .  ? 13.661  2.505   -9.257  1.00 52.55 ? 56  HOH A O   1 
HETATM 649 O O   . HOH B 2 .  ? -7.099  0.230   28.258  1.00 49.75 ? 57  HOH A O   1 
HETATM 650 O O   . HOH B 2 .  ? -6.767  -7.753  3.014   1.00 45.77 ? 58  HOH A O   1 
HETATM 651 O O   . HOH B 2 .  ? 5.098   -9.754  -2.602  1.00 41.81 ? 59  HOH A O   1 
HETATM 652 O O   . HOH B 2 .  ? -0.506  -4.998  -26.549 1.00 58.50 ? 60  HOH A O   1 
HETATM 653 O O   . HOH B 2 .  ? 11.011  -0.945  1.791   1.00 47.06 ? 61  HOH A O   1 
HETATM 654 O O   . HOH B 2 .  ? -0.937  8.994   0.693   1.00 46.39 ? 62  HOH A O   1 
HETATM 655 O O   . HOH B 2 .  ? -6.668  2.854   33.382  1.00 50.31 ? 63  HOH A O   1 
HETATM 656 O O   . HOH B 2 .  ? -0.859  11.485  -0.942  1.00 48.10 ? 64  HOH A O   1 
HETATM 657 O O   . HOH B 2 .  ? -2.489  -9.316  -1.735  1.00 49.05 ? 65  HOH A O   1 
HETATM 658 O O   . HOH B 2 .  ? -4.315  8.486   -4.787  1.00 55.27 ? 66  HOH A O   1 
HETATM 659 O O   . HOH B 2 .  ? -5.253  9.642   16.099  1.00 58.31 ? 67  HOH A O   1 
HETATM 660 O O   . HOH B 2 .  ? -6.034  0.976   21.686  1.00 46.92 ? 68  HOH A O   1 
HETATM 661 O O   . HOH B 2 .  ? -10.299 -1.273  19.989  1.00 58.44 ? 69  HOH A O   1 
HETATM 662 O O   . HOH B 2 .  ? -8.795  -0.556  21.980  1.00 56.10 ? 70  HOH A O   1 
HETATM 663 O O   . HOH B 2 .  ? -3.608  9.652   -0.587  1.00 48.69 ? 71  HOH A O   1 
HETATM 664 O O   . HOH B 2 .  ? -8.514  -4.261  -10.204 1.00 63.16 ? 72  HOH A O   1 
HETATM 665 O O   . HOH B 2 .  ? -7.916  8.734   16.305  1.00 53.09 ? 73  HOH A O   1 
HETATM 666 O O   . HOH B 2 .  ? -4.210  5.848   -5.890  1.00 43.55 ? 74  HOH A O   1 
HETATM 667 O O   . HOH B 2 .  ? 1.584   -11.307 -1.621  1.00 45.95 ? 75  HOH A O   1 
HETATM 668 O O   . HOH B 2 .  ? -7.772  -2.330  28.193  1.00 58.78 ? 76  HOH A O   1 
HETATM 669 O O   . HOH B 2 .  ? -2.740  4.803   27.403  1.00 47.07 ? 78  HOH A O   1 
HETATM 670 O O   . HOH B 2 .  ? 17.714  0.533   -4.999  1.00 53.56 ? 79  HOH A O   1 
HETATM 671 O O   . HOH B 2 .  ? -9.272  -0.755  30.309  1.00 53.52 ? 80  HOH A O   1 
HETATM 672 O O   . HOH B 2 .  ? -9.451  1.902   32.923  1.00 66.24 ? 82  HOH A O   1 
HETATM 673 O O   . HOH B 2 .  ? -4.706  8.502   23.582  0.50 38.77 ? 84  HOH A O   1 
HETATM 674 O O   . HOH B 2 .  ? -2.709  7.216   23.121  1.00 42.55 ? 86  HOH A O   1 
HETATM 675 O O   . HOH B 2 .  ? -1.539  8.574   19.759  1.00 54.39 ? 172 HOH A O   1 
HETATM 676 O O   . HOH B 2 .  ? -2.558  -1.738  -33.061 1.00 45.73 ? 173 HOH A O   1 
HETATM 677 O O   . HOH B 2 .  ? -13.328 -7.971  10.673  1.00 63.61 ? 174 HOH A O   1 
HETATM 678 O O   . HOH B 2 .  ? -0.066  7.736   -17.124 1.00 61.43 ? 175 HOH A O   1 
HETATM 679 O O   . HOH B 2 .  ? 6.562   10.031  -14.422 1.00 56.53 ? 176 HOH A O   1 
HETATM 680 O O   . HOH B 2 .  ? -9.737  2.700   21.705  1.00 65.15 ? 177 HOH A O   1 
HETATM 681 O O   . HOH B 2 .  ? -14.529 -5.661  10.899  1.00 61.07 ? 178 HOH A O   1 
HETATM 682 O O   . HOH B 2 .  ? -8.611  -2.406  16.624  1.00 56.95 ? 179 HOH A O   1 
HETATM 683 O O   . HOH B 2 .  ? -0.566  5.478   21.291  1.00 54.91 ? 180 HOH A O   1 
HETATM 684 O O   . HOH B 2 .  ? -2.792  4.859   22.744  1.00 55.99 ? 181 HOH A O   1 
HETATM 685 O O   . HOH B 2 .  ? 6.265   -12.261 -4.115  1.00 56.98 ? 182 HOH A O   1 
HETATM 686 O O   . HOH B 2 .  ? -6.844  -5.517  -6.005  1.00 53.12 ? 183 HOH A O   1 
HETATM 687 O O   . HOH B 2 .  ? 0.842   2.002   -26.689 1.00 59.64 ? 184 HOH A O   1 
HETATM 688 O O   . HOH B 2 .  ? -11.618 7.518   3.895   1.00 51.66 ? 185 HOH A O   1 
HETATM 689 O O   . HOH B 2 .  ? -7.580  4.842   18.578  1.00 51.93 ? 186 HOH A O   1 
HETATM 690 O O   . HOH B 2 .  ? -10.336 8.276   18.173  1.00 57.10 ? 187 HOH A O   1 
HETATM 691 O O   . HOH B 2 .  ? -0.231  4.584   18.294  1.00 60.60 ? 188 HOH A O   1 
HETATM 692 O O   . HOH B 2 .  ? 11.406  2.477   -23.159 1.00 69.93 ? 189 HOH A O   1 
# 
loop_
_pdbx_poly_seq_scheme.asym_id 
_pdbx_poly_seq_scheme.entity_id 
_pdbx_poly_seq_scheme.seq_id 
_pdbx_poly_seq_scheme.mon_id 
_pdbx_poly_seq_scheme.ndb_seq_num 
_pdbx_poly_seq_scheme.pdb_seq_num 
_pdbx_poly_seq_scheme.auth_seq_num 
_pdbx_poly_seq_scheme.pdb_mon_id 
_pdbx_poly_seq_scheme.auth_mon_id 
_pdbx_poly_seq_scheme.pdb_strand_id 
_pdbx_poly_seq_scheme.pdb_ins_code 
_pdbx_poly_seq_scheme.hetero 
A 1 1  GLY 1  87  ?   ?   ?   A . n 
A 1 2  GLY 2  88  ?   ?   ?   A . n 
A 1 3  SER 3  89  89  SER SER A . n 
A 1 4  HIS 4  90  90  HIS HIS A . n 
A 1 5  THR 5  91  91  THR THR A . n 
A 1 6  ALA 6  92  92  ALA ALA A . n 
A 1 7  ASP 7  93  93  ASP ASP A . n 
A 1 8  ARG 8  94  94  ARG ARG A . n 
A 1 9  TRP 9  95  95  TRP TRP A . n 
A 1 10 ARG 10 96  96  ARG ARG A . n 
A 1 11 VAL 11 97  97  VAL VAL A . n 
A 1 12 SER 12 98  98  SER SER A . n 
A 1 13 LEU 13 99  99  LEU LEU A . n 
A 1 14 ASP 14 100 100 ASP ASP A . n 
A 1 15 VAL 15 101 101 VAL VAL A . n 
A 1 16 ASN 16 102 102 ASN ASN A . n 
A 1 17 HIS 17 103 103 HIS HIS A . n 
A 1 18 PHE 18 104 104 PHE PHE A . n 
A 1 19 ALA 19 105 105 ALA ALA A . n 
A 1 20 PRO 20 106 106 PRO PRO A . n 
A 1 21 ASP 21 107 107 ASP ASP A . n 
A 1 22 GLU 22 108 108 GLU GLU A . n 
A 1 23 LEU 23 109 109 LEU LEU A . n 
A 1 24 THR 24 110 110 THR THR A . n 
A 1 25 VAL 25 111 111 VAL VAL A . n 
A 1 26 LYS 26 112 112 LYS LYS A . n 
A 1 27 THR 27 113 113 THR THR A . n 
A 1 28 LYS 28 114 114 LYS LYS A . n 
A 1 29 ASP 29 115 115 ASP ASP A . n 
A 1 30 GLY 30 116 116 GLY GLY A . n 
A 1 31 VAL 31 117 117 VAL VAL A . n 
A 1 32 VAL 32 118 118 VAL VAL A . n 
A 1 33 GLU 33 119 119 GLU GLU A . n 
A 1 34 ILE 34 120 120 ILE ILE A . n 
A 1 35 THR 35 121 121 THR THR A . n 
A 1 36 GLY 36 122 122 GLY GLY A . n 
A 1 37 LYS 37 123 123 LYS LYS A . n 
A 1 38 HIS 38 124 124 HIS HIS A . n 
A 1 39 ALA 39 125 125 ALA ALA A . n 
A 1 40 ALA 40 126 ?   ?   ?   A . n 
A 1 41 ARG 41 127 ?   ?   ?   A . n 
A 1 42 GLN 42 128 ?   ?   ?   A . n 
A 1 43 ASP 43 129 ?   ?   ?   A . n 
A 1 44 GLU 44 130 ?   ?   ?   A . n 
A 1 45 HIS 45 131 ?   ?   ?   A . n 
A 1 46 GLY 46 132 ?   ?   ?   A . n 
A 1 47 TYR 47 133 133 TYR TYR A . n 
A 1 48 ILE 48 134 134 ILE ILE A . n 
A 1 49 SER 49 135 135 SER SER A . n 
A 1 50 ARG 50 136 136 ARG ARG A . n 
A 1 51 CYS 51 137 137 CYS CYS A . n 
A 1 52 PHE 52 138 138 PHE PHE A . n 
A 1 53 THR 53 139 139 THR THR A . n 
A 1 54 ARG 54 140 140 ARG ARG A . n 
A 1 55 LYS 55 141 141 LYS LYS A . n 
A 1 56 TYR 56 142 142 TYR TYR A . n 
A 1 57 THR 57 143 143 THR THR A . n 
A 1 58 LEU 58 144 144 LEU LEU A . n 
A 1 59 PRO 59 145 145 PRO PRO A . n 
A 1 60 PRO 60 146 146 PRO PRO A . n 
A 1 61 GLY 61 147 147 GLY GLY A . n 
A 1 62 VAL 62 148 148 VAL VAL A . n 
A 1 63 ASP 63 149 149 ASP ASP A . n 
A 1 64 PRO 64 150 150 PRO PRO A . n 
A 1 65 THR 65 151 151 THR THR A . n 
A 1 66 GLN 66 152 152 GLN GLN A . n 
A 1 67 VAL 67 153 153 VAL VAL A . n 
A 1 68 SER 68 154 154 SER SER A . n 
A 1 69 SER 69 155 155 SER SER A . n 
A 1 70 SER 70 156 156 SER SER A . n 
A 1 71 LEU 71 157 157 LEU LEU A . n 
A 1 72 SER 72 158 158 SER SER A . n 
A 1 73 PRO 73 159 159 PRO PRO A . n 
A 1 74 GLU 74 160 160 GLU GLU A . n 
A 1 75 GLY 75 161 161 GLY GLY A . n 
A 1 76 THR 76 162 162 THR THR A . n 
A 1 77 LEU 77 163 163 LEU LEU A . n 
A 1 78 THR 78 164 164 THR THR A . n 
A 1 79 VAL 79 165 165 VAL VAL A . n 
A 1 80 GLU 80 166 166 GLU GLU A . n 
A 1 81 ALA 81 167 167 ALA ALA A . n 
A 1 82 PRO 82 168 168 PRO PRO A . n 
A 1 83 MET 83 169 169 MET MET A . n 
A 1 84 PRO 84 170 170 PRO PRO A . n 
A 1 85 LYS 85 171 171 LYS LYS A . n 
# 
loop_
_pdbx_nonpoly_scheme.asym_id 
_pdbx_nonpoly_scheme.entity_id 
_pdbx_nonpoly_scheme.mon_id 
_pdbx_nonpoly_scheme.ndb_seq_num 
_pdbx_nonpoly_scheme.pdb_seq_num 
_pdbx_nonpoly_scheme.auth_seq_num 
_pdbx_nonpoly_scheme.pdb_mon_id 
_pdbx_nonpoly_scheme.auth_mon_id 
_pdbx_nonpoly_scheme.pdb_strand_id 
_pdbx_nonpoly_scheme.pdb_ins_code 
B 2 HOH 1  1   1   HOH HOH A . 
B 2 HOH 2  2   2   HOH HOH A . 
B 2 HOH 3  3   3   HOH HOH A . 
B 2 HOH 4  4   4   HOH HOH A . 
B 2 HOH 5  5   5   HOH HOH A . 
B 2 HOH 6  6   6   HOH HOH A . 
B 2 HOH 7  7   7   HOH HOH A . 
B 2 HOH 8  8   8   HOH HOH A . 
B 2 HOH 9  9   9   HOH HOH A . 
B 2 HOH 10 10  10  HOH HOH A . 
B 2 HOH 11 11  11  HOH HOH A . 
B 2 HOH 12 12  12  HOH HOH A . 
B 2 HOH 13 13  13  HOH HOH A . 
B 2 HOH 14 14  14  HOH HOH A . 
B 2 HOH 15 15  15  HOH HOH A . 
B 2 HOH 16 16  16  HOH HOH A . 
B 2 HOH 17 17  17  HOH HOH A . 
B 2 HOH 18 18  18  HOH HOH A . 
B 2 HOH 19 19  19  HOH HOH A . 
B 2 HOH 20 20  20  HOH HOH A . 
B 2 HOH 21 21  21  HOH HOH A . 
B 2 HOH 22 22  22  HOH HOH A . 
B 2 HOH 23 23  23  HOH HOH A . 
B 2 HOH 24 24  24  HOH HOH A . 
B 2 HOH 25 26  26  HOH HOH A . 
B 2 HOH 26 27  27  HOH HOH A . 
B 2 HOH 27 28  28  HOH HOH A . 
B 2 HOH 28 29  29  HOH HOH A . 
B 2 HOH 29 30  30  HOH HOH A . 
B 2 HOH 30 31  31  HOH HOH A . 
B 2 HOH 31 32  32  HOH HOH A . 
B 2 HOH 32 33  33  HOH HOH A . 
B 2 HOH 33 34  34  HOH HOH A . 
B 2 HOH 34 35  35  HOH HOH A . 
B 2 HOH 35 36  36  HOH HOH A . 
B 2 HOH 36 37  37  HOH HOH A . 
B 2 HOH 37 39  39  HOH HOH A . 
B 2 HOH 38 40  40  HOH HOH A . 
B 2 HOH 39 41  41  HOH HOH A . 
B 2 HOH 40 42  42  HOH HOH A . 
B 2 HOH 41 43  43  HOH HOH A . 
B 2 HOH 42 44  44  HOH HOH A . 
B 2 HOH 43 45  45  HOH HOH A . 
B 2 HOH 44 46  46  HOH HOH A . 
B 2 HOH 45 47  47  HOH HOH A . 
B 2 HOH 46 48  48  HOH HOH A . 
B 2 HOH 47 49  49  HOH HOH A . 
B 2 HOH 48 50  50  HOH HOH A . 
B 2 HOH 49 51  51  HOH HOH A . 
B 2 HOH 50 52  52  HOH HOH A . 
B 2 HOH 51 53  53  HOH HOH A . 
B 2 HOH 52 54  54  HOH HOH A . 
B 2 HOH 53 55  55  HOH HOH A . 
B 2 HOH 54 56  56  HOH HOH A . 
B 2 HOH 55 57  57  HOH HOH A . 
B 2 HOH 56 58  58  HOH HOH A . 
B 2 HOH 57 59  59  HOH HOH A . 
B 2 HOH 58 60  60  HOH HOH A . 
B 2 HOH 59 61  61  HOH HOH A . 
B 2 HOH 60 62  62  HOH HOH A . 
B 2 HOH 61 63  63  HOH HOH A . 
B 2 HOH 62 64  64  HOH HOH A . 
B 2 HOH 63 65  65  HOH HOH A . 
B 2 HOH 64 66  66  HOH HOH A . 
B 2 HOH 65 67  67  HOH HOH A . 
B 2 HOH 66 68  68  HOH HOH A . 
B 2 HOH 67 69  69  HOH HOH A . 
B 2 HOH 68 70  70  HOH HOH A . 
B 2 HOH 69 71  71  HOH HOH A . 
B 2 HOH 70 72  72  HOH HOH A . 
B 2 HOH 71 73  73  HOH HOH A . 
B 2 HOH 72 74  74  HOH HOH A . 
B 2 HOH 73 75  75  HOH HOH A . 
B 2 HOH 74 76  76  HOH HOH A . 
B 2 HOH 75 78  78  HOH HOH A . 
B 2 HOH 76 79  79  HOH HOH A . 
B 2 HOH 77 80  80  HOH HOH A . 
B 2 HOH 78 82  82  HOH HOH A . 
B 2 HOH 79 84  84  HOH HOH A . 
B 2 HOH 80 86  86  HOH HOH A . 
B 2 HOH 81 172 87  HOH HOH A . 
B 2 HOH 82 173 88  HOH HOH A . 
B 2 HOH 83 174 89  HOH HOH A . 
B 2 HOH 84 175 90  HOH HOH A . 
B 2 HOH 85 176 92  HOH HOH A . 
B 2 HOH 86 177 93  HOH HOH A . 
B 2 HOH 87 178 95  HOH HOH A . 
B 2 HOH 88 179 96  HOH HOH A . 
B 2 HOH 89 180 97  HOH HOH A . 
B 2 HOH 90 181 99  HOH HOH A . 
B 2 HOH 91 182 101 HOH HOH A . 
B 2 HOH 92 183 102 HOH HOH A . 
B 2 HOH 93 184 104 HOH HOH A . 
B 2 HOH 94 185 105 HOH HOH A . 
B 2 HOH 95 186 106 HOH HOH A . 
B 2 HOH 96 187 110 HOH HOH A . 
B 2 HOH 97 188 111 HOH HOH A . 
B 2 HOH 98 189 112 HOH HOH A . 
# 
_pdbx_struct_assembly.id                   1 
_pdbx_struct_assembly.details              author_defined_assembly 
_pdbx_struct_assembly.method_details       ? 
_pdbx_struct_assembly.oligomeric_details   monomeric 
_pdbx_struct_assembly.oligomeric_count     1 
# 
_pdbx_struct_assembly_gen.assembly_id       1 
_pdbx_struct_assembly_gen.oper_expression   1 
_pdbx_struct_assembly_gen.asym_id_list      A,B 
# 
_pdbx_struct_oper_list.id                   1 
_pdbx_struct_oper_list.type                 'identity operation' 
_pdbx_struct_oper_list.name                 1_555 
_pdbx_struct_oper_list.symmetry_operation   x,y,z 
_pdbx_struct_oper_list.matrix[1][1]         1.0000000000 
_pdbx_struct_oper_list.matrix[1][2]         0.0000000000 
_pdbx_struct_oper_list.matrix[1][3]         0.0000000000 
_pdbx_struct_oper_list.vector[1]            0.0000000000 
_pdbx_struct_oper_list.matrix[2][1]         0.0000000000 
_pdbx_struct_oper_list.matrix[2][2]         1.0000000000 
_pdbx_struct_oper_list.matrix[2][3]         0.0000000000 
_pdbx_struct_oper_list.vector[2]            0.0000000000 
_pdbx_struct_oper_list.matrix[3][1]         0.0000000000 
_pdbx_struct_oper_list.matrix[3][2]         0.0000000000 
_pdbx_struct_oper_list.matrix[3][3]         1.0000000000 
_pdbx_struct_oper_list.vector[3]            0.0000000000 
# 
_pdbx_struct_special_symmetry.id              1 
_pdbx_struct_special_symmetry.PDB_model_num   1 
_pdbx_struct_special_symmetry.auth_asym_id    A 
_pdbx_struct_special_symmetry.auth_comp_id    HOH 
_pdbx_struct_special_symmetry.auth_seq_id     84 
_pdbx_struct_special_symmetry.PDB_ins_code    ? 
_pdbx_struct_special_symmetry.label_asym_id   B 
_pdbx_struct_special_symmetry.label_comp_id   HOH 
_pdbx_struct_special_symmetry.label_seq_id    . 
# 
loop_
_pdbx_audit_revision_history.ordinal 
_pdbx_audit_revision_history.data_content_type 
_pdbx_audit_revision_history.major_revision 
_pdbx_audit_revision_history.minor_revision 
_pdbx_audit_revision_history.revision_date 
1 'Structure model' 1 0 2011-07-06 
2 'Structure model' 1 1 2011-07-13 
3 'Structure model' 1 2 2023-11-01 
# 
_pdbx_audit_revision_details.ordinal             1 
_pdbx_audit_revision_details.revision_ordinal    1 
_pdbx_audit_revision_details.data_content_type   'Structure model' 
_pdbx_audit_revision_details.provider            repository 
_pdbx_audit_revision_details.type                'Initial release' 
_pdbx_audit_revision_details.description         ? 
_pdbx_audit_revision_details.details             ? 
# 
loop_
_pdbx_audit_revision_group.ordinal 
_pdbx_audit_revision_group.revision_ordinal 
_pdbx_audit_revision_group.data_content_type 
_pdbx_audit_revision_group.group 
1 2 'Structure model' 'Version format compliance' 
2 3 'Structure model' 'Data collection'           
3 3 'Structure model' 'Database references'       
4 3 'Structure model' 'Refinement description'    
# 
loop_
_pdbx_audit_revision_category.ordinal 
_pdbx_audit_revision_category.revision_ordinal 
_pdbx_audit_revision_category.data_content_type 
_pdbx_audit_revision_category.category 
1 3 'Structure model' chem_comp_atom                
2 3 'Structure model' chem_comp_bond                
3 3 'Structure model' database_2                    
4 3 'Structure model' pdbx_initial_refinement_model 
5 3 'Structure model' struct_ref_seq_dif            
# 
loop_
_pdbx_audit_revision_item.ordinal 
_pdbx_audit_revision_item.revision_ordinal 
_pdbx_audit_revision_item.data_content_type 
_pdbx_audit_revision_item.item 
1 3 'Structure model' '_database_2.pdbx_DOI'                
2 3 'Structure model' '_database_2.pdbx_database_accession' 
3 3 'Structure model' '_struct_ref_seq_dif.details'         
# 
loop_
_software.name 
_software.classification 
_software.version 
_software.citation_id 
_software.pdbx_ordinal 
XDS    'data scaling'   .                 ? 1 
MOLREP phasing          .                 ? 2 
PHENIX refinement       '(phenix.refine)' ? 3 
XDS    'data reduction' .                 ? 4 
SCALA  'data scaling'   .                 ? 5 
# 
_pdbx_validate_torsion.id              1 
_pdbx_validate_torsion.PDB_model_num   1 
_pdbx_validate_torsion.auth_comp_id    HIS 
_pdbx_validate_torsion.auth_asym_id    A 
_pdbx_validate_torsion.auth_seq_id     90 
_pdbx_validate_torsion.PDB_ins_code    ? 
_pdbx_validate_torsion.label_alt_id    ? 
_pdbx_validate_torsion.phi             -145.54 
_pdbx_validate_torsion.psi             57.63 
# 
loop_
_pdbx_unobs_or_zero_occ_residues.id 
_pdbx_unobs_or_zero_occ_residues.PDB_model_num 
_pdbx_unobs_or_zero_occ_residues.polymer_flag 
_pdbx_unobs_or_zero_occ_residues.occupancy_flag 
_pdbx_unobs_or_zero_occ_residues.auth_asym_id 
_pdbx_unobs_or_zero_occ_residues.auth_comp_id 
_pdbx_unobs_or_zero_occ_residues.auth_seq_id 
_pdbx_unobs_or_zero_occ_residues.PDB_ins_code 
_pdbx_unobs_or_zero_occ_residues.label_asym_id 
_pdbx_unobs_or_zero_occ_residues.label_comp_id 
_pdbx_unobs_or_zero_occ_residues.label_seq_id 
1 1 Y 1 A GLY 87  ? A GLY 1  
2 1 Y 1 A GLY 88  ? A GLY 2  
3 1 Y 1 A ALA 126 ? A ALA 40 
4 1 Y 1 A ARG 127 ? A ARG 41 
5 1 Y 1 A GLN 128 ? A GLN 42 
6 1 Y 1 A ASP 129 ? A ASP 43 
7 1 Y 1 A GLU 130 ? A GLU 44 
8 1 Y 1 A HIS 131 ? A HIS 45 
9 1 Y 1 A GLY 132 ? A GLY 46 
# 
loop_
_chem_comp_atom.comp_id 
_chem_comp_atom.atom_id 
_chem_comp_atom.type_symbol 
_chem_comp_atom.pdbx_aromatic_flag 
_chem_comp_atom.pdbx_stereo_config 
_chem_comp_atom.pdbx_ordinal 
ALA N    N N N 1   
ALA CA   C N S 2   
ALA C    C N N 3   
ALA O    O N N 4   
ALA CB   C N N 5   
ALA OXT  O N N 6   
ALA H    H N N 7   
ALA H2   H N N 8   
ALA HA   H N N 9   
ALA HB1  H N N 10  
ALA HB2  H N N 11  
ALA HB3  H N N 12  
ALA HXT  H N N 13  
ARG N    N N N 14  
ARG CA   C N S 15  
ARG C    C N N 16  
ARG O    O N N 17  
ARG CB   C N N 18  
ARG CG   C N N 19  
ARG CD   C N N 20  
ARG NE   N N N 21  
ARG CZ   C N N 22  
ARG NH1  N N N 23  
ARG NH2  N N N 24  
ARG OXT  O N N 25  
ARG H    H N N 26  
ARG H2   H N N 27  
ARG HA   H N N 28  
ARG HB2  H N N 29  
ARG HB3  H N N 30  
ARG HG2  H N N 31  
ARG HG3  H N N 32  
ARG HD2  H N N 33  
ARG HD3  H N N 34  
ARG HE   H N N 35  
ARG HH11 H N N 36  
ARG HH12 H N N 37  
ARG HH21 H N N 38  
ARG HH22 H N N 39  
ARG HXT  H N N 40  
ASN N    N N N 41  
ASN CA   C N S 42  
ASN C    C N N 43  
ASN O    O N N 44  
ASN CB   C N N 45  
ASN CG   C N N 46  
ASN OD1  O N N 47  
ASN ND2  N N N 48  
ASN OXT  O N N 49  
ASN H    H N N 50  
ASN H2   H N N 51  
ASN HA   H N N 52  
ASN HB2  H N N 53  
ASN HB3  H N N 54  
ASN HD21 H N N 55  
ASN HD22 H N N 56  
ASN HXT  H N N 57  
ASP N    N N N 58  
ASP CA   C N S 59  
ASP C    C N N 60  
ASP O    O N N 61  
ASP CB   C N N 62  
ASP CG   C N N 63  
ASP OD1  O N N 64  
ASP OD2  O N N 65  
ASP OXT  O N N 66  
ASP H    H N N 67  
ASP H2   H N N 68  
ASP HA   H N N 69  
ASP HB2  H N N 70  
ASP HB3  H N N 71  
ASP HD2  H N N 72  
ASP HXT  H N N 73  
CYS N    N N N 74  
CYS CA   C N R 75  
CYS C    C N N 76  
CYS O    O N N 77  
CYS CB   C N N 78  
CYS SG   S N N 79  
CYS OXT  O N N 80  
CYS H    H N N 81  
CYS H2   H N N 82  
CYS HA   H N N 83  
CYS HB2  H N N 84  
CYS HB3  H N N 85  
CYS HG   H N N 86  
CYS HXT  H N N 87  
GLN N    N N N 88  
GLN CA   C N S 89  
GLN C    C N N 90  
GLN O    O N N 91  
GLN CB   C N N 92  
GLN CG   C N N 93  
GLN CD   C N N 94  
GLN OE1  O N N 95  
GLN NE2  N N N 96  
GLN OXT  O N N 97  
GLN H    H N N 98  
GLN H2   H N N 99  
GLN HA   H N N 100 
GLN HB2  H N N 101 
GLN HB3  H N N 102 
GLN HG2  H N N 103 
GLN HG3  H N N 104 
GLN HE21 H N N 105 
GLN HE22 H N N 106 
GLN HXT  H N N 107 
GLU N    N N N 108 
GLU CA   C N S 109 
GLU C    C N N 110 
GLU O    O N N 111 
GLU CB   C N N 112 
GLU CG   C N N 113 
GLU CD   C N N 114 
GLU OE1  O N N 115 
GLU OE2  O N N 116 
GLU OXT  O N N 117 
GLU H    H N N 118 
GLU H2   H N N 119 
GLU HA   H N N 120 
GLU HB2  H N N 121 
GLU HB3  H N N 122 
GLU HG2  H N N 123 
GLU HG3  H N N 124 
GLU HE2  H N N 125 
GLU HXT  H N N 126 
GLY N    N N N 127 
GLY CA   C N N 128 
GLY C    C N N 129 
GLY O    O N N 130 
GLY OXT  O N N 131 
GLY H    H N N 132 
GLY H2   H N N 133 
GLY HA2  H N N 134 
GLY HA3  H N N 135 
GLY HXT  H N N 136 
HIS N    N N N 137 
HIS CA   C N S 138 
HIS C    C N N 139 
HIS O    O N N 140 
HIS CB   C N N 141 
HIS CG   C Y N 142 
HIS ND1  N Y N 143 
HIS CD2  C Y N 144 
HIS CE1  C Y N 145 
HIS NE2  N Y N 146 
HIS OXT  O N N 147 
HIS H    H N N 148 
HIS H2   H N N 149 
HIS HA   H N N 150 
HIS HB2  H N N 151 
HIS HB3  H N N 152 
HIS HD1  H N N 153 
HIS HD2  H N N 154 
HIS HE1  H N N 155 
HIS HE2  H N N 156 
HIS HXT  H N N 157 
HOH O    O N N 158 
HOH H1   H N N 159 
HOH H2   H N N 160 
ILE N    N N N 161 
ILE CA   C N S 162 
ILE C    C N N 163 
ILE O    O N N 164 
ILE CB   C N S 165 
ILE CG1  C N N 166 
ILE CG2  C N N 167 
ILE CD1  C N N 168 
ILE OXT  O N N 169 
ILE H    H N N 170 
ILE H2   H N N 171 
ILE HA   H N N 172 
ILE HB   H N N 173 
ILE HG12 H N N 174 
ILE HG13 H N N 175 
ILE HG21 H N N 176 
ILE HG22 H N N 177 
ILE HG23 H N N 178 
ILE HD11 H N N 179 
ILE HD12 H N N 180 
ILE HD13 H N N 181 
ILE HXT  H N N 182 
LEU N    N N N 183 
LEU CA   C N S 184 
LEU C    C N N 185 
LEU O    O N N 186 
LEU CB   C N N 187 
LEU CG   C N N 188 
LEU CD1  C N N 189 
LEU CD2  C N N 190 
LEU OXT  O N N 191 
LEU H    H N N 192 
LEU H2   H N N 193 
LEU HA   H N N 194 
LEU HB2  H N N 195 
LEU HB3  H N N 196 
LEU HG   H N N 197 
LEU HD11 H N N 198 
LEU HD12 H N N 199 
LEU HD13 H N N 200 
LEU HD21 H N N 201 
LEU HD22 H N N 202 
LEU HD23 H N N 203 
LEU HXT  H N N 204 
LYS N    N N N 205 
LYS CA   C N S 206 
LYS C    C N N 207 
LYS O    O N N 208 
LYS CB   C N N 209 
LYS CG   C N N 210 
LYS CD   C N N 211 
LYS CE   C N N 212 
LYS NZ   N N N 213 
LYS OXT  O N N 214 
LYS H    H N N 215 
LYS H2   H N N 216 
LYS HA   H N N 217 
LYS HB2  H N N 218 
LYS HB3  H N N 219 
LYS HG2  H N N 220 
LYS HG3  H N N 221 
LYS HD2  H N N 222 
LYS HD3  H N N 223 
LYS HE2  H N N 224 
LYS HE3  H N N 225 
LYS HZ1  H N N 226 
LYS HZ2  H N N 227 
LYS HZ3  H N N 228 
LYS HXT  H N N 229 
MET N    N N N 230 
MET CA   C N S 231 
MET C    C N N 232 
MET O    O N N 233 
MET CB   C N N 234 
MET CG   C N N 235 
MET SD   S N N 236 
MET CE   C N N 237 
MET OXT  O N N 238 
MET H    H N N 239 
MET H2   H N N 240 
MET HA   H N N 241 
MET HB2  H N N 242 
MET HB3  H N N 243 
MET HG2  H N N 244 
MET HG3  H N N 245 
MET HE1  H N N 246 
MET HE2  H N N 247 
MET HE3  H N N 248 
MET HXT  H N N 249 
PHE N    N N N 250 
PHE CA   C N S 251 
PHE C    C N N 252 
PHE O    O N N 253 
PHE CB   C N N 254 
PHE CG   C Y N 255 
PHE CD1  C Y N 256 
PHE CD2  C Y N 257 
PHE CE1  C Y N 258 
PHE CE2  C Y N 259 
PHE CZ   C Y N 260 
PHE OXT  O N N 261 
PHE H    H N N 262 
PHE H2   H N N 263 
PHE HA   H N N 264 
PHE HB2  H N N 265 
PHE HB3  H N N 266 
PHE HD1  H N N 267 
PHE HD2  H N N 268 
PHE HE1  H N N 269 
PHE HE2  H N N 270 
PHE HZ   H N N 271 
PHE HXT  H N N 272 
PRO N    N N N 273 
PRO CA   C N S 274 
PRO C    C N N 275 
PRO O    O N N 276 
PRO CB   C N N 277 
PRO CG   C N N 278 
PRO CD   C N N 279 
PRO OXT  O N N 280 
PRO H    H N N 281 
PRO HA   H N N 282 
PRO HB2  H N N 283 
PRO HB3  H N N 284 
PRO HG2  H N N 285 
PRO HG3  H N N 286 
PRO HD2  H N N 287 
PRO HD3  H N N 288 
PRO HXT  H N N 289 
SER N    N N N 290 
SER CA   C N S 291 
SER C    C N N 292 
SER O    O N N 293 
SER CB   C N N 294 
SER OG   O N N 295 
SER OXT  O N N 296 
SER H    H N N 297 
SER H2   H N N 298 
SER HA   H N N 299 
SER HB2  H N N 300 
SER HB3  H N N 301 
SER HG   H N N 302 
SER HXT  H N N 303 
THR N    N N N 304 
THR CA   C N S 305 
THR C    C N N 306 
THR O    O N N 307 
THR CB   C N R 308 
THR OG1  O N N 309 
THR CG2  C N N 310 
THR OXT  O N N 311 
THR H    H N N 312 
THR H2   H N N 313 
THR HA   H N N 314 
THR HB   H N N 315 
THR HG1  H N N 316 
THR HG21 H N N 317 
THR HG22 H N N 318 
THR HG23 H N N 319 
THR HXT  H N N 320 
TRP N    N N N 321 
TRP CA   C N S 322 
TRP C    C N N 323 
TRP O    O N N 324 
TRP CB   C N N 325 
TRP CG   C Y N 326 
TRP CD1  C Y N 327 
TRP CD2  C Y N 328 
TRP NE1  N Y N 329 
TRP CE2  C Y N 330 
TRP CE3  C Y N 331 
TRP CZ2  C Y N 332 
TRP CZ3  C Y N 333 
TRP CH2  C Y N 334 
TRP OXT  O N N 335 
TRP H    H N N 336 
TRP H2   H N N 337 
TRP HA   H N N 338 
TRP HB2  H N N 339 
TRP HB3  H N N 340 
TRP HD1  H N N 341 
TRP HE1  H N N 342 
TRP HE3  H N N 343 
TRP HZ2  H N N 344 
TRP HZ3  H N N 345 
TRP HH2  H N N 346 
TRP HXT  H N N 347 
TYR N    N N N 348 
TYR CA   C N S 349 
TYR C    C N N 350 
TYR O    O N N 351 
TYR CB   C N N 352 
TYR CG   C Y N 353 
TYR CD1  C Y N 354 
TYR CD2  C Y N 355 
TYR CE1  C Y N 356 
TYR CE2  C Y N 357 
TYR CZ   C Y N 358 
TYR OH   O N N 359 
TYR OXT  O N N 360 
TYR H    H N N 361 
TYR H2   H N N 362 
TYR HA   H N N 363 
TYR HB2  H N N 364 
TYR HB3  H N N 365 
TYR HD1  H N N 366 
TYR HD2  H N N 367 
TYR HE1  H N N 368 
TYR HE2  H N N 369 
TYR HH   H N N 370 
TYR HXT  H N N 371 
VAL N    N N N 372 
VAL CA   C N S 373 
VAL C    C N N 374 
VAL O    O N N 375 
VAL CB   C N N 376 
VAL CG1  C N N 377 
VAL CG2  C N N 378 
VAL OXT  O N N 379 
VAL H    H N N 380 
VAL H2   H N N 381 
VAL HA   H N N 382 
VAL HB   H N N 383 
VAL HG11 H N N 384 
VAL HG12 H N N 385 
VAL HG13 H N N 386 
VAL HG21 H N N 387 
VAL HG22 H N N 388 
VAL HG23 H N N 389 
VAL HXT  H N N 390 
# 
loop_
_chem_comp_bond.comp_id 
_chem_comp_bond.atom_id_1 
_chem_comp_bond.atom_id_2 
_chem_comp_bond.value_order 
_chem_comp_bond.pdbx_aromatic_flag 
_chem_comp_bond.pdbx_stereo_config 
_chem_comp_bond.pdbx_ordinal 
ALA N   CA   sing N N 1   
ALA N   H    sing N N 2   
ALA N   H2   sing N N 3   
ALA CA  C    sing N N 4   
ALA CA  CB   sing N N 5   
ALA CA  HA   sing N N 6   
ALA C   O    doub N N 7   
ALA C   OXT  sing N N 8   
ALA CB  HB1  sing N N 9   
ALA CB  HB2  sing N N 10  
ALA CB  HB3  sing N N 11  
ALA OXT HXT  sing N N 12  
ARG N   CA   sing N N 13  
ARG N   H    sing N N 14  
ARG N   H2   sing N N 15  
ARG CA  C    sing N N 16  
ARG CA  CB   sing N N 17  
ARG CA  HA   sing N N 18  
ARG C   O    doub N N 19  
ARG C   OXT  sing N N 20  
ARG CB  CG   sing N N 21  
ARG CB  HB2  sing N N 22  
ARG CB  HB3  sing N N 23  
ARG CG  CD   sing N N 24  
ARG CG  HG2  sing N N 25  
ARG CG  HG3  sing N N 26  
ARG CD  NE   sing N N 27  
ARG CD  HD2  sing N N 28  
ARG CD  HD3  sing N N 29  
ARG NE  CZ   sing N N 30  
ARG NE  HE   sing N N 31  
ARG CZ  NH1  sing N N 32  
ARG CZ  NH2  doub N N 33  
ARG NH1 HH11 sing N N 34  
ARG NH1 HH12 sing N N 35  
ARG NH2 HH21 sing N N 36  
ARG NH2 HH22 sing N N 37  
ARG OXT HXT  sing N N 38  
ASN N   CA   sing N N 39  
ASN N   H    sing N N 40  
ASN N   H2   sing N N 41  
ASN CA  C    sing N N 42  
ASN CA  CB   sing N N 43  
ASN CA  HA   sing N N 44  
ASN C   O    doub N N 45  
ASN C   OXT  sing N N 46  
ASN CB  CG   sing N N 47  
ASN CB  HB2  sing N N 48  
ASN CB  HB3  sing N N 49  
ASN CG  OD1  doub N N 50  
ASN CG  ND2  sing N N 51  
ASN ND2 HD21 sing N N 52  
ASN ND2 HD22 sing N N 53  
ASN OXT HXT  sing N N 54  
ASP N   CA   sing N N 55  
ASP N   H    sing N N 56  
ASP N   H2   sing N N 57  
ASP CA  C    sing N N 58  
ASP CA  CB   sing N N 59  
ASP CA  HA   sing N N 60  
ASP C   O    doub N N 61  
ASP C   OXT  sing N N 62  
ASP CB  CG   sing N N 63  
ASP CB  HB2  sing N N 64  
ASP CB  HB3  sing N N 65  
ASP CG  OD1  doub N N 66  
ASP CG  OD2  sing N N 67  
ASP OD2 HD2  sing N N 68  
ASP OXT HXT  sing N N 69  
CYS N   CA   sing N N 70  
CYS N   H    sing N N 71  
CYS N   H2   sing N N 72  
CYS CA  C    sing N N 73  
CYS CA  CB   sing N N 74  
CYS CA  HA   sing N N 75  
CYS C   O    doub N N 76  
CYS C   OXT  sing N N 77  
CYS CB  SG   sing N N 78  
CYS CB  HB2  sing N N 79  
CYS CB  HB3  sing N N 80  
CYS SG  HG   sing N N 81  
CYS OXT HXT  sing N N 82  
GLN N   CA   sing N N 83  
GLN N   H    sing N N 84  
GLN N   H2   sing N N 85  
GLN CA  C    sing N N 86  
GLN CA  CB   sing N N 87  
GLN CA  HA   sing N N 88  
GLN C   O    doub N N 89  
GLN C   OXT  sing N N 90  
GLN CB  CG   sing N N 91  
GLN CB  HB2  sing N N 92  
GLN CB  HB3  sing N N 93  
GLN CG  CD   sing N N 94  
GLN CG  HG2  sing N N 95  
GLN CG  HG3  sing N N 96  
GLN CD  OE1  doub N N 97  
GLN CD  NE2  sing N N 98  
GLN NE2 HE21 sing N N 99  
GLN NE2 HE22 sing N N 100 
GLN OXT HXT  sing N N 101 
GLU N   CA   sing N N 102 
GLU N   H    sing N N 103 
GLU N   H2   sing N N 104 
GLU CA  C    sing N N 105 
GLU CA  CB   sing N N 106 
GLU CA  HA   sing N N 107 
GLU C   O    doub N N 108 
GLU C   OXT  sing N N 109 
GLU CB  CG   sing N N 110 
GLU CB  HB2  sing N N 111 
GLU CB  HB3  sing N N 112 
GLU CG  CD   sing N N 113 
GLU CG  HG2  sing N N 114 
GLU CG  HG3  sing N N 115 
GLU CD  OE1  doub N N 116 
GLU CD  OE2  sing N N 117 
GLU OE2 HE2  sing N N 118 
GLU OXT HXT  sing N N 119 
GLY N   CA   sing N N 120 
GLY N   H    sing N N 121 
GLY N   H2   sing N N 122 
GLY CA  C    sing N N 123 
GLY CA  HA2  sing N N 124 
GLY CA  HA3  sing N N 125 
GLY C   O    doub N N 126 
GLY C   OXT  sing N N 127 
GLY OXT HXT  sing N N 128 
HIS N   CA   sing N N 129 
HIS N   H    sing N N 130 
HIS N   H2   sing N N 131 
HIS CA  C    sing N N 132 
HIS CA  CB   sing N N 133 
HIS CA  HA   sing N N 134 
HIS C   O    doub N N 135 
HIS C   OXT  sing N N 136 
HIS CB  CG   sing N N 137 
HIS CB  HB2  sing N N 138 
HIS CB  HB3  sing N N 139 
HIS CG  ND1  sing Y N 140 
HIS CG  CD2  doub Y N 141 
HIS ND1 CE1  doub Y N 142 
HIS ND1 HD1  sing N N 143 
HIS CD2 NE2  sing Y N 144 
HIS CD2 HD2  sing N N 145 
HIS CE1 NE2  sing Y N 146 
HIS CE1 HE1  sing N N 147 
HIS NE2 HE2  sing N N 148 
HIS OXT HXT  sing N N 149 
HOH O   H1   sing N N 150 
HOH O   H2   sing N N 151 
ILE N   CA   sing N N 152 
ILE N   H    sing N N 153 
ILE N   H2   sing N N 154 
ILE CA  C    sing N N 155 
ILE CA  CB   sing N N 156 
ILE CA  HA   sing N N 157 
ILE C   O    doub N N 158 
ILE C   OXT  sing N N 159 
ILE CB  CG1  sing N N 160 
ILE CB  CG2  sing N N 161 
ILE CB  HB   sing N N 162 
ILE CG1 CD1  sing N N 163 
ILE CG1 HG12 sing N N 164 
ILE CG1 HG13 sing N N 165 
ILE CG2 HG21 sing N N 166 
ILE CG2 HG22 sing N N 167 
ILE CG2 HG23 sing N N 168 
ILE CD1 HD11 sing N N 169 
ILE CD1 HD12 sing N N 170 
ILE CD1 HD13 sing N N 171 
ILE OXT HXT  sing N N 172 
LEU N   CA   sing N N 173 
LEU N   H    sing N N 174 
LEU N   H2   sing N N 175 
LEU CA  C    sing N N 176 
LEU CA  CB   sing N N 177 
LEU CA  HA   sing N N 178 
LEU C   O    doub N N 179 
LEU C   OXT  sing N N 180 
LEU CB  CG   sing N N 181 
LEU CB  HB2  sing N N 182 
LEU CB  HB3  sing N N 183 
LEU CG  CD1  sing N N 184 
LEU CG  CD2  sing N N 185 
LEU CG  HG   sing N N 186 
LEU CD1 HD11 sing N N 187 
LEU CD1 HD12 sing N N 188 
LEU CD1 HD13 sing N N 189 
LEU CD2 HD21 sing N N 190 
LEU CD2 HD22 sing N N 191 
LEU CD2 HD23 sing N N 192 
LEU OXT HXT  sing N N 193 
LYS N   CA   sing N N 194 
LYS N   H    sing N N 195 
LYS N   H2   sing N N 196 
LYS CA  C    sing N N 197 
LYS CA  CB   sing N N 198 
LYS CA  HA   sing N N 199 
LYS C   O    doub N N 200 
LYS C   OXT  sing N N 201 
LYS CB  CG   sing N N 202 
LYS CB  HB2  sing N N 203 
LYS CB  HB3  sing N N 204 
LYS CG  CD   sing N N 205 
LYS CG  HG2  sing N N 206 
LYS CG  HG3  sing N N 207 
LYS CD  CE   sing N N 208 
LYS CD  HD2  sing N N 209 
LYS CD  HD3  sing N N 210 
LYS CE  NZ   sing N N 211 
LYS CE  HE2  sing N N 212 
LYS CE  HE3  sing N N 213 
LYS NZ  HZ1  sing N N 214 
LYS NZ  HZ2  sing N N 215 
LYS NZ  HZ3  sing N N 216 
LYS OXT HXT  sing N N 217 
MET N   CA   sing N N 218 
MET N   H    sing N N 219 
MET N   H2   sing N N 220 
MET CA  C    sing N N 221 
MET CA  CB   sing N N 222 
MET CA  HA   sing N N 223 
MET C   O    doub N N 224 
MET C   OXT  sing N N 225 
MET CB  CG   sing N N 226 
MET CB  HB2  sing N N 227 
MET CB  HB3  sing N N 228 
MET CG  SD   sing N N 229 
MET CG  HG2  sing N N 230 
MET CG  HG3  sing N N 231 
MET SD  CE   sing N N 232 
MET CE  HE1  sing N N 233 
MET CE  HE2  sing N N 234 
MET CE  HE3  sing N N 235 
MET OXT HXT  sing N N 236 
PHE N   CA   sing N N 237 
PHE N   H    sing N N 238 
PHE N   H2   sing N N 239 
PHE CA  C    sing N N 240 
PHE CA  CB   sing N N 241 
PHE CA  HA   sing N N 242 
PHE C   O    doub N N 243 
PHE C   OXT  sing N N 244 
PHE CB  CG   sing N N 245 
PHE CB  HB2  sing N N 246 
PHE CB  HB3  sing N N 247 
PHE CG  CD1  doub Y N 248 
PHE CG  CD2  sing Y N 249 
PHE CD1 CE1  sing Y N 250 
PHE CD1 HD1  sing N N 251 
PHE CD2 CE2  doub Y N 252 
PHE CD2 HD2  sing N N 253 
PHE CE1 CZ   doub Y N 254 
PHE CE1 HE1  sing N N 255 
PHE CE2 CZ   sing Y N 256 
PHE CE2 HE2  sing N N 257 
PHE CZ  HZ   sing N N 258 
PHE OXT HXT  sing N N 259 
PRO N   CA   sing N N 260 
PRO N   CD   sing N N 261 
PRO N   H    sing N N 262 
PRO CA  C    sing N N 263 
PRO CA  CB   sing N N 264 
PRO CA  HA   sing N N 265 
PRO C   O    doub N N 266 
PRO C   OXT  sing N N 267 
PRO CB  CG   sing N N 268 
PRO CB  HB2  sing N N 269 
PRO CB  HB3  sing N N 270 
PRO CG  CD   sing N N 271 
PRO CG  HG2  sing N N 272 
PRO CG  HG3  sing N N 273 
PRO CD  HD2  sing N N 274 
PRO CD  HD3  sing N N 275 
PRO OXT HXT  sing N N 276 
SER N   CA   sing N N 277 
SER N   H    sing N N 278 
SER N   H2   sing N N 279 
SER CA  C    sing N N 280 
SER CA  CB   sing N N 281 
SER CA  HA   sing N N 282 
SER C   O    doub N N 283 
SER C   OXT  sing N N 284 
SER CB  OG   sing N N 285 
SER CB  HB2  sing N N 286 
SER CB  HB3  sing N N 287 
SER OG  HG   sing N N 288 
SER OXT HXT  sing N N 289 
THR N   CA   sing N N 290 
THR N   H    sing N N 291 
THR N   H2   sing N N 292 
THR CA  C    sing N N 293 
THR CA  CB   sing N N 294 
THR CA  HA   sing N N 295 
THR C   O    doub N N 296 
THR C   OXT  sing N N 297 
THR CB  OG1  sing N N 298 
THR CB  CG2  sing N N 299 
THR CB  HB   sing N N 300 
THR OG1 HG1  sing N N 301 
THR CG2 HG21 sing N N 302 
THR CG2 HG22 sing N N 303 
THR CG2 HG23 sing N N 304 
THR OXT HXT  sing N N 305 
TRP N   CA   sing N N 306 
TRP N   H    sing N N 307 
TRP N   H2   sing N N 308 
TRP CA  C    sing N N 309 
TRP CA  CB   sing N N 310 
TRP CA  HA   sing N N 311 
TRP C   O    doub N N 312 
TRP C   OXT  sing N N 313 
TRP CB  CG   sing N N 314 
TRP CB  HB2  sing N N 315 
TRP CB  HB3  sing N N 316 
TRP CG  CD1  doub Y N 317 
TRP CG  CD2  sing Y N 318 
TRP CD1 NE1  sing Y N 319 
TRP CD1 HD1  sing N N 320 
TRP CD2 CE2  doub Y N 321 
TRP CD2 CE3  sing Y N 322 
TRP NE1 CE2  sing Y N 323 
TRP NE1 HE1  sing N N 324 
TRP CE2 CZ2  sing Y N 325 
TRP CE3 CZ3  doub Y N 326 
TRP CE3 HE3  sing N N 327 
TRP CZ2 CH2  doub Y N 328 
TRP CZ2 HZ2  sing N N 329 
TRP CZ3 CH2  sing Y N 330 
TRP CZ3 HZ3  sing N N 331 
TRP CH2 HH2  sing N N 332 
TRP OXT HXT  sing N N 333 
TYR N   CA   sing N N 334 
TYR N   H    sing N N 335 
TYR N   H2   sing N N 336 
TYR CA  C    sing N N 337 
TYR CA  CB   sing N N 338 
TYR CA  HA   sing N N 339 
TYR C   O    doub N N 340 
TYR C   OXT  sing N N 341 
TYR CB  CG   sing N N 342 
TYR CB  HB2  sing N N 343 
TYR CB  HB3  sing N N 344 
TYR CG  CD1  doub Y N 345 
TYR CG  CD2  sing Y N 346 
TYR CD1 CE1  sing Y N 347 
TYR CD1 HD1  sing N N 348 
TYR CD2 CE2  doub Y N 349 
TYR CD2 HD2  sing N N 350 
TYR CE1 CZ   doub Y N 351 
TYR CE1 HE1  sing N N 352 
TYR CE2 CZ   sing Y N 353 
TYR CE2 HE2  sing N N 354 
TYR CZ  OH   sing N N 355 
TYR OH  HH   sing N N 356 
TYR OXT HXT  sing N N 357 
VAL N   CA   sing N N 358 
VAL N   H    sing N N 359 
VAL N   H2   sing N N 360 
VAL CA  C    sing N N 361 
VAL CA  CB   sing N N 362 
VAL CA  HA   sing N N 363 
VAL C   O    doub N N 364 
VAL C   OXT  sing N N 365 
VAL CB  CG1  sing N N 366 
VAL CB  CG2  sing N N 367 
VAL CB  HB   sing N N 368 
VAL CG1 HG11 sing N N 369 
VAL CG1 HG12 sing N N 370 
VAL CG1 HG13 sing N N 371 
VAL CG2 HG21 sing N N 372 
VAL CG2 HG22 sing N N 373 
VAL CG2 HG23 sing N N 374 
VAL OXT HXT  sing N N 375 
# 
_pdbx_entity_nonpoly.entity_id   2 
_pdbx_entity_nonpoly.name        water 
_pdbx_entity_nonpoly.comp_id     HOH 
# 
_pdbx_initial_refinement_model.id               1 
_pdbx_initial_refinement_model.entity_id_list   ? 
_pdbx_initial_refinement_model.type             'experimental model' 
_pdbx_initial_refinement_model.source_name      PDB 
_pdbx_initial_refinement_model.accession_code   2BOL 
_pdbx_initial_refinement_model.details          ? 
# 
